data_9GQT
#
_entry.id   9GQT
#
_cell.length_a   92.089
_cell.length_b   92.089
_cell.length_c   146.804
_cell.angle_alpha   90.000
_cell.angle_beta   90.000
_cell.angle_gamma   90.000
#
_symmetry.space_group_name_H-M   'P 4'
#
loop_
_entity.id
_entity.type
_entity.pdbx_description
1 polymer Neuraminidase
2 branched 2-acetamido-2-deoxy-beta-D-glucopyranose-(1-4)-2-acetamido-2-deoxy-beta-D-glucopyranose
3 non-polymer 'CALCIUM ION'
4 non-polymer 2-acetamido-2-deoxy-beta-D-glucopyranose
5 water water
#
_entity_poly.entity_id   1
_entity_poly.type   'polypeptide(L)'
_entity_poly.pdbx_seq_one_letter_code
;MNTQILVFALIAIIPTNADKISAWSHPQFEKGGGGSHHHHHHSSSGSGAHIVMVDAYKPTKGGSGGGGSIINETADDIVY
RLTVIIDDRYESLKNLITLRADRLEMIINDNVSTILAGGSGTGSVTLAGNSSLCPISGWAIYSKDNGIRIGSKGDVFVIR
EPFISCSHLECRTFFLTQGALLNDKHSNGTIKDRSPYRTLMSCPVGEAPSPYNSRFESVAWSASACHDGISWLTIGISGP
DNGAVAVVKYNGIITDTIKSWRNNILRTQESECACVNGSCFTVMTDGPSNGQASYKIFKIEKGKVVKSVEMNAPNYHYEE
CSCYPDAGDIMCVCRDNWHGSNRPWVSFNQNLEYQIGYICSGIFGDNPRPNDKTGSCGPVSSNGANGVKGFSFKYGNGVW
IGRTKSISSRNGFEMIWDPNGWTETDSSFSVKQDIVGINEWSGYSGSFVQHPEMTGLDCMRPCFWVELIRGRPKENTIWT
SGSSISFCGVNSDTVGWSWPDGAELPFTIDK
;
_entity_poly.pdbx_strand_id   A,B
#
# COMPACT_ATOMS: atom_id res chain seq x y z
N ILE A 97 46.14 29.83 -54.24
CA ILE A 97 44.93 29.51 -54.99
C ILE A 97 44.51 28.07 -54.74
N THR A 98 45.47 27.16 -54.84
CA THR A 98 45.17 25.75 -54.60
C THR A 98 44.83 25.50 -53.13
N LEU A 99 45.42 26.28 -52.22
CA LEU A 99 45.09 26.13 -50.80
C LEU A 99 43.65 26.58 -50.52
N ARG A 100 43.27 27.77 -51.01
CA ARG A 100 41.93 28.29 -50.71
C ARG A 100 40.85 27.54 -51.47
N ALA A 101 41.17 27.00 -52.65
CA ALA A 101 40.17 26.24 -53.42
C ALA A 101 39.94 24.86 -52.82
N ASP A 102 41.01 24.19 -52.34
CA ASP A 102 40.85 22.93 -51.61
C ASP A 102 40.24 23.14 -50.23
N ARG A 103 40.47 24.30 -49.62
CA ARG A 103 39.84 24.59 -48.33
C ARG A 103 38.33 24.79 -48.48
N LEU A 104 37.88 25.36 -49.61
CA LEU A 104 36.44 25.51 -49.82
C LEU A 104 35.76 24.17 -50.12
N GLU A 105 36.45 23.26 -50.83
CA GLU A 105 35.87 21.96 -51.17
C GLU A 105 35.63 21.10 -49.93
N MET A 106 36.52 21.18 -48.94
CA MET A 106 36.30 20.46 -47.69
C MET A 106 35.16 21.08 -46.88
N ILE A 107 35.09 22.41 -46.82
CA ILE A 107 34.02 23.07 -46.08
C ILE A 107 32.66 22.74 -46.68
N ILE A 108 32.57 22.74 -48.00
CA ILE A 108 31.29 22.41 -48.65
C ILE A 108 30.92 20.96 -48.40
N ASN A 109 31.82 20.02 -48.73
CA ASN A 109 31.55 18.60 -48.50
C ASN A 109 31.23 18.31 -47.04
N ASP A 110 31.96 18.90 -46.10
CA ASP A 110 31.66 18.68 -44.69
C ASP A 110 30.30 19.25 -44.30
N ASN A 111 30.07 20.54 -44.61
CA ASN A 111 28.82 21.17 -44.19
C ASN A 111 27.62 20.51 -44.86
N VAL A 112 27.77 20.03 -46.09
CA VAL A 112 26.66 19.35 -46.76
C VAL A 112 26.28 18.07 -46.02
N SER A 113 27.28 17.24 -45.70
CA SER A 113 27.04 16.05 -44.88
C SER A 113 26.35 16.41 -43.56
N THR A 114 26.83 17.48 -42.91
CA THR A 114 26.16 17.96 -41.70
C THR A 114 24.70 18.29 -41.97
N ILE A 115 24.43 19.04 -43.05
CA ILE A 115 23.05 19.44 -43.39
C ILE A 115 22.18 18.22 -43.65
N LEU A 116 22.71 17.18 -44.33
CA LEU A 116 21.94 15.97 -44.58
C LEU A 116 21.61 15.22 -43.29
N ALA A 117 22.57 15.12 -42.36
CA ALA A 117 22.28 14.57 -41.03
C ALA A 117 21.26 15.40 -40.26
N GLY A 118 21.39 16.73 -40.29
CA GLY A 118 20.45 17.60 -39.59
C GLY A 118 19.04 17.54 -40.15
N GLY A 119 18.89 17.21 -41.43
CA GLY A 119 17.58 16.94 -41.98
C GLY A 119 16.90 15.74 -41.35
N SER A 120 17.65 14.65 -41.15
CA SER A 120 17.13 13.50 -40.42
C SER A 120 16.93 13.78 -38.93
N GLY A 121 17.42 14.93 -38.44
CA GLY A 121 17.26 15.36 -37.05
C GLY A 121 18.53 15.33 -36.22
N THR A 122 19.62 14.75 -36.73
CA THR A 122 20.85 14.61 -35.96
C THR A 122 21.59 15.95 -35.86
N GLY A 123 22.06 16.28 -34.64
CA GLY A 123 22.83 17.48 -34.42
C GLY A 123 24.29 17.37 -34.88
N SER A 124 24.96 18.53 -34.87
CA SER A 124 26.31 18.65 -35.39
C SER A 124 27.37 18.88 -34.32
N VAL A 125 27.01 19.43 -33.17
CA VAL A 125 27.96 19.80 -32.12
C VAL A 125 27.51 19.24 -30.77
N THR A 126 28.44 18.58 -30.07
CA THR A 126 28.07 18.05 -28.76
C THR A 126 27.86 19.19 -27.76
N LEU A 127 26.93 18.97 -26.83
CA LEU A 127 26.74 19.85 -25.68
C LEU A 127 28.01 19.90 -24.82
N ALA A 128 28.49 21.12 -24.55
CA ALA A 128 29.70 21.28 -23.74
C ALA A 128 29.51 20.78 -22.32
N GLY A 129 28.40 21.16 -21.70
CA GLY A 129 28.11 20.73 -20.33
C GLY A 129 29.01 21.29 -19.25
N ASN A 130 29.78 22.35 -19.53
CA ASN A 130 30.75 22.90 -18.59
C ASN A 130 30.25 24.13 -17.83
N SER A 131 29.04 24.62 -18.10
CA SER A 131 28.57 25.81 -17.40
C SER A 131 27.94 25.42 -16.05
N SER A 132 27.90 26.40 -15.14
CA SER A 132 27.32 26.24 -13.83
C SER A 132 25.83 26.50 -13.88
N LEU A 133 25.10 25.99 -12.88
CA LEU A 133 23.66 26.20 -12.84
C LEU A 133 23.34 27.69 -12.79
N CYS A 134 22.29 28.09 -13.55
CA CYS A 134 21.81 29.48 -13.57
C CYS A 134 21.43 29.96 -12.16
N PRO A 135 21.74 31.21 -11.82
CA PRO A 135 21.08 31.86 -10.67
C PRO A 135 19.57 31.95 -10.90
N ILE A 136 18.80 31.53 -9.90
CA ILE A 136 17.34 31.54 -10.02
C ILE A 136 16.75 31.99 -8.70
N SER A 137 15.53 32.51 -8.77
CA SER A 137 14.80 32.88 -7.57
C SER A 137 13.55 32.05 -7.39
N GLY A 138 13.10 31.34 -8.42
CA GLY A 138 11.87 30.57 -8.30
C GLY A 138 11.62 29.75 -9.55
N TRP A 139 10.43 29.14 -9.61
CA TRP A 139 10.11 28.18 -10.67
C TRP A 139 8.89 28.65 -11.47
N ALA A 140 9.04 28.73 -12.79
CA ALA A 140 7.95 29.09 -13.69
C ALA A 140 7.39 27.84 -14.36
N ILE A 141 6.06 27.73 -14.40
CA ILE A 141 5.47 26.52 -14.96
C ILE A 141 5.79 26.45 -16.46
N TYR A 142 6.23 25.26 -16.89
CA TYR A 142 6.65 24.97 -18.25
C TYR A 142 5.63 24.14 -19.00
N SER A 143 5.13 23.05 -18.41
CA SER A 143 4.17 22.20 -19.11
C SER A 143 3.18 21.61 -18.14
N LYS A 144 2.04 21.20 -18.68
CA LYS A 144 1.11 20.31 -18.03
C LYS A 144 0.39 19.58 -19.17
N ASP A 145 0.24 18.25 -19.06
CA ASP A 145 -0.31 17.50 -20.19
C ASP A 145 -1.74 17.04 -19.98
N ASN A 146 -2.26 17.06 -18.74
CA ASN A 146 -3.66 16.68 -18.54
C ASN A 146 -3.93 15.29 -19.11
N GLY A 147 -2.94 14.39 -19.03
CA GLY A 147 -3.04 13.12 -19.72
C GLY A 147 -4.26 12.32 -19.32
N ILE A 148 -4.54 12.26 -18.03
CA ILE A 148 -5.58 11.35 -17.55
C ILE A 148 -6.97 11.95 -17.81
N ARG A 149 -7.12 13.26 -17.63
CA ARG A 149 -8.37 13.92 -18.02
C ARG A 149 -8.67 13.66 -19.51
N ILE A 150 -7.66 13.83 -20.38
CA ILE A 150 -7.86 13.62 -21.81
C ILE A 150 -8.15 12.14 -22.13
N GLY A 151 -7.47 11.22 -21.46
CA GLY A 151 -7.61 9.79 -21.68
C GLY A 151 -8.91 9.21 -21.16
N SER A 152 -9.69 10.01 -20.42
CA SER A 152 -11.06 9.62 -20.09
C SER A 152 -11.87 9.34 -21.34
N LYS A 153 -11.54 10.02 -22.42
CA LYS A 153 -12.19 9.85 -23.71
C LYS A 153 -11.21 9.50 -24.80
N GLY A 154 -10.07 10.18 -24.83
CA GLY A 154 -9.09 9.96 -25.86
C GLY A 154 -8.43 8.61 -25.70
N ASP A 155 -7.53 8.31 -26.65
CA ASP A 155 -6.83 7.04 -26.70
C ASP A 155 -5.44 7.34 -26.14
N VAL A 156 -5.30 7.14 -24.82
CA VAL A 156 -4.13 7.61 -24.09
C VAL A 156 -3.56 6.45 -23.29
N PHE A 157 -2.24 6.29 -23.35
CA PHE A 157 -1.56 5.23 -22.60
C PHE A 157 -1.73 5.42 -21.10
N VAL A 158 -1.97 4.31 -20.39
CA VAL A 158 -1.63 4.25 -18.98
C VAL A 158 -0.12 4.28 -18.86
N ILE A 159 0.41 5.23 -18.06
CA ILE A 159 1.85 5.44 -18.03
C ILE A 159 2.36 5.60 -16.60
N ARG A 160 3.68 5.47 -16.46
CA ARG A 160 4.39 5.82 -15.24
C ARG A 160 5.65 6.55 -15.65
N GLU A 161 6.22 7.25 -14.67
CA GLU A 161 7.46 8.01 -14.78
C GLU A 161 7.61 8.85 -16.06
N PRO A 162 6.75 9.86 -16.25
CA PRO A 162 6.84 10.76 -17.41
C PRO A 162 7.97 11.77 -17.26
N PHE A 163 9.20 11.31 -17.45
CA PHE A 163 10.35 12.19 -17.29
C PHE A 163 10.70 12.93 -18.57
N ILE A 164 11.18 14.15 -18.40
CA ILE A 164 11.50 15.01 -19.53
C ILE A 164 13.01 15.02 -19.76
N SER A 165 13.38 15.15 -21.03
CA SER A 165 14.75 15.33 -21.48
C SER A 165 14.67 16.10 -22.79
N CYS A 166 15.70 16.90 -23.06
CA CYS A 166 15.68 17.85 -24.17
C CYS A 166 16.88 17.62 -25.07
N SER A 167 16.66 17.79 -26.39
CA SER A 167 17.79 17.89 -27.30
C SER A 167 18.22 19.36 -27.38
N HIS A 168 18.96 19.72 -28.41
CA HIS A 168 19.21 21.13 -28.65
C HIS A 168 18.12 21.77 -29.48
N LEU A 169 17.10 20.99 -29.91
CA LEU A 169 15.95 21.49 -30.68
C LEU A 169 14.57 21.23 -30.08
N GLU A 170 14.41 20.26 -29.17
CA GLU A 170 13.10 20.05 -28.55
C GLU A 170 13.29 19.34 -27.22
N CYS A 171 12.22 19.36 -26.43
CA CYS A 171 12.09 18.71 -25.13
C CYS A 171 11.01 17.65 -25.27
N ARG A 172 11.28 16.44 -24.75
CA ARG A 172 10.31 15.36 -24.85
C ARG A 172 10.00 14.78 -23.48
N THR A 173 8.77 14.25 -23.36
CA THR A 173 8.40 13.42 -22.22
C THR A 173 8.60 11.95 -22.59
N PHE A 174 9.53 11.31 -21.89
CA PHE A 174 9.68 9.86 -21.96
C PHE A 174 8.78 9.22 -20.92
N PHE A 175 8.36 7.99 -21.17
CA PHE A 175 7.51 7.36 -20.18
C PHE A 175 7.48 5.87 -20.44
N LEU A 176 7.05 5.13 -19.41
CA LEU A 176 6.90 3.69 -19.50
C LEU A 176 5.43 3.39 -19.59
N THR A 177 5.06 2.44 -20.45
CA THR A 177 3.67 2.03 -20.45
C THR A 177 3.65 0.52 -20.56
N GLN A 178 2.61 -0.10 -20.01
CA GLN A 178 2.32 -1.50 -20.21
C GLN A 178 1.71 -1.81 -21.58
N GLY A 179 1.64 -0.84 -22.49
CA GLY A 179 1.01 -1.11 -23.76
C GLY A 179 -0.48 -1.30 -23.62
N ALA A 180 -1.11 -0.50 -22.78
CA ALA A 180 -2.56 -0.50 -22.55
C ALA A 180 -3.03 0.94 -22.53
N LEU A 181 -4.29 1.15 -22.89
CA LEU A 181 -4.84 2.50 -22.89
C LEU A 181 -5.78 2.72 -21.71
N LEU A 182 -5.93 3.99 -21.30
CA LEU A 182 -6.89 4.31 -20.26
C LEU A 182 -8.29 3.90 -20.68
N ASN A 183 -9.07 3.45 -19.72
CA ASN A 183 -10.44 3.05 -19.94
C ASN A 183 -10.57 1.79 -20.80
N ASP A 184 -9.56 0.95 -20.82
CA ASP A 184 -9.63 -0.35 -21.47
C ASP A 184 -9.25 -1.43 -20.47
N LYS A 185 -9.81 -2.64 -20.67
CA LYS A 185 -9.60 -3.74 -19.73
C LYS A 185 -8.13 -4.10 -19.56
N HIS A 186 -7.29 -3.81 -20.56
CA HIS A 186 -5.89 -4.16 -20.42
C HIS A 186 -5.13 -3.27 -19.45
N SER A 187 -5.71 -2.16 -19.03
CA SER A 187 -5.07 -1.29 -18.06
C SER A 187 -5.14 -1.83 -16.64
N ASN A 188 -5.82 -2.96 -16.43
CA ASN A 188 -5.90 -3.61 -15.13
C ASN A 188 -4.51 -3.85 -14.55
N GLY A 189 -4.26 -3.30 -13.35
CA GLY A 189 -2.94 -3.17 -12.76
C GLY A 189 -2.43 -4.36 -11.98
N THR A 190 -3.13 -5.50 -12.05
CA THR A 190 -2.61 -6.74 -11.48
C THR A 190 -1.31 -7.17 -12.16
N ILE A 191 -1.15 -6.87 -13.46
CA ILE A 191 0.08 -7.21 -14.16
C ILE A 191 1.29 -6.70 -13.36
N LYS A 192 2.34 -7.53 -13.29
CA LYS A 192 3.53 -7.16 -12.55
C LYS A 192 4.14 -5.91 -13.17
N ASP A 193 4.83 -5.13 -12.34
CA ASP A 193 5.51 -3.93 -12.80
C ASP A 193 6.55 -4.28 -13.87
N ARG A 194 7.29 -5.35 -13.63
CA ARG A 194 8.38 -5.70 -14.52
C ARG A 194 7.88 -6.76 -15.51
N SER A 195 7.09 -6.32 -16.44
CA SER A 195 6.46 -7.25 -17.37
C SER A 195 7.13 -7.20 -18.73
N PRO A 196 7.00 -8.26 -19.54
CA PRO A 196 7.50 -8.19 -20.92
C PRO A 196 6.73 -7.19 -21.80
N TYR A 197 5.57 -6.71 -21.38
CA TYR A 197 4.86 -5.74 -22.20
C TYR A 197 5.37 -4.33 -22.02
N ARG A 198 6.21 -4.07 -21.01
CA ARG A 198 6.52 -2.70 -20.64
C ARG A 198 7.48 -2.12 -21.67
N THR A 199 7.17 -0.90 -22.12
CA THR A 199 8.00 -0.25 -23.12
C THR A 199 8.24 1.20 -22.74
N LEU A 200 9.41 1.69 -23.15
CA LEU A 200 9.79 3.08 -23.06
C LEU A 200 9.37 3.79 -24.34
N MET A 201 8.55 4.83 -24.20
CA MET A 201 8.10 5.62 -25.33
C MET A 201 8.29 7.10 -25.02
N SER A 202 8.09 7.97 -26.01
CA SER A 202 8.21 9.41 -25.75
C SER A 202 7.28 10.22 -26.64
N CYS A 203 6.90 11.41 -26.15
CA CYS A 203 6.07 12.29 -26.96
C CYS A 203 6.45 13.73 -26.65
N PRO A 204 6.05 14.68 -27.49
CA PRO A 204 6.39 16.10 -27.20
C PRO A 204 5.86 16.50 -25.83
N VAL A 205 6.65 17.34 -25.13
CA VAL A 205 6.26 17.83 -23.81
C VAL A 205 4.88 18.51 -23.85
N GLY A 206 4.01 18.15 -22.89
CA GLY A 206 2.69 18.74 -22.74
C GLY A 206 1.58 18.07 -23.52
N GLU A 207 1.89 17.09 -24.35
CA GLU A 207 0.86 16.38 -25.09
C GLU A 207 0.45 15.14 -24.33
N ALA A 208 -0.83 14.80 -24.38
CA ALA A 208 -1.26 13.55 -23.80
C ALA A 208 -0.53 12.39 -24.49
N PRO A 209 -0.10 11.39 -23.73
CA PRO A 209 0.70 10.31 -24.31
C PRO A 209 -0.18 9.29 -24.97
N SER A 210 -0.19 9.33 -26.30
CA SER A 210 -1.11 8.54 -27.11
CA SER A 210 -1.11 8.53 -27.10
C SER A 210 -0.35 7.67 -28.11
N PRO A 211 -0.89 6.49 -28.51
CA PRO A 211 -0.24 5.76 -29.61
C PRO A 211 -0.15 6.59 -30.87
N TYR A 212 -0.92 7.69 -30.98
CA TYR A 212 -0.91 8.41 -32.26
C TYR A 212 0.10 9.55 -32.27
N ASN A 213 0.62 9.95 -31.11
CA ASN A 213 1.66 10.96 -31.09
C ASN A 213 2.93 10.49 -30.40
N SER A 214 3.02 9.21 -30.00
CA SER A 214 4.17 8.72 -29.25
C SER A 214 5.08 7.86 -30.10
N ARG A 215 6.37 8.07 -29.91
CA ARG A 215 7.43 7.40 -30.61
C ARG A 215 7.91 6.25 -29.73
N PHE A 216 8.18 5.10 -30.34
CA PHE A 216 8.71 3.97 -29.59
C PHE A 216 10.20 4.14 -29.36
N GLU A 217 10.65 3.86 -28.12
CA GLU A 217 12.07 3.95 -27.80
C GLU A 217 12.71 2.59 -27.51
N SER A 218 12.13 1.79 -26.62
CA SER A 218 12.81 0.59 -26.19
C SER A 218 11.81 -0.27 -25.43
N VAL A 219 12.08 -1.56 -25.41
CA VAL A 219 11.40 -2.43 -24.48
C VAL A 219 12.08 -2.23 -23.12
N ALA A 220 11.30 -1.92 -22.11
CA ALA A 220 11.86 -1.43 -20.86
C ALA A 220 10.87 -1.45 -19.72
N TRP A 221 11.25 -2.01 -18.55
CA TRP A 221 10.54 -1.72 -17.31
C TRP A 221 11.34 -0.85 -16.33
N SER A 222 12.50 -0.36 -16.75
CA SER A 222 13.26 0.65 -16.04
C SER A 222 14.03 1.32 -17.15
N ALA A 223 14.19 2.65 -17.06
CA ALA A 223 14.79 3.30 -18.21
C ALA A 223 15.51 4.58 -17.84
N SER A 224 16.36 5.01 -18.77
CA SER A 224 17.01 6.32 -18.76
C SER A 224 17.09 6.82 -20.21
N ALA A 225 17.23 8.14 -20.38
CA ALA A 225 17.38 8.70 -21.73
C ALA A 225 17.97 10.11 -21.64
N CYS A 226 18.75 10.48 -22.64
CA CYS A 226 19.33 11.81 -22.66
C CYS A 226 19.94 12.04 -24.04
N HIS A 227 20.27 13.29 -24.34
CA HIS A 227 20.70 13.70 -25.67
C HIS A 227 22.04 14.39 -25.55
N ASP A 228 23.01 14.01 -26.37
CA ASP A 228 24.36 14.53 -26.19
C ASP A 228 24.65 15.76 -27.07
N GLY A 229 23.66 16.31 -27.73
CA GLY A 229 23.88 17.35 -28.70
C GLY A 229 23.78 16.85 -30.13
N ILE A 230 23.97 15.54 -30.33
CA ILE A 230 23.99 14.93 -31.65
C ILE A 230 22.85 13.94 -31.81
N SER A 231 22.71 12.97 -30.88
CA SER A 231 21.62 12.00 -30.98
C SER A 231 21.07 11.64 -29.61
N TRP A 232 19.88 11.02 -29.61
CA TRP A 232 19.29 10.48 -28.39
C TRP A 232 20.00 9.20 -27.96
N LEU A 233 20.39 9.17 -26.69
CA LEU A 233 20.83 7.95 -26.02
C LEU A 233 19.65 7.43 -25.22
N THR A 234 19.25 6.19 -25.45
CA THR A 234 18.20 5.59 -24.65
C THR A 234 18.70 4.31 -24.03
N ILE A 235 18.28 4.03 -22.78
CA ILE A 235 18.65 2.83 -22.05
C ILE A 235 17.37 2.18 -21.57
N GLY A 236 17.11 0.95 -22.02
CA GLY A 236 15.88 0.29 -21.65
C GLY A 236 16.21 -1.08 -21.08
N ILE A 237 15.83 -1.33 -19.83
CA ILE A 237 16.10 -2.60 -19.16
C ILE A 237 14.85 -3.48 -19.27
N SER A 238 15.04 -4.72 -19.72
CA SER A 238 13.98 -5.72 -19.72
C SER A 238 14.62 -7.05 -19.36
N GLY A 239 13.80 -8.10 -19.30
CA GLY A 239 14.30 -9.41 -18.90
C GLY A 239 13.87 -9.87 -17.52
N PRO A 240 14.29 -11.08 -17.15
CA PRO A 240 13.92 -11.62 -15.85
C PRO A 240 14.62 -10.86 -14.73
N ASP A 241 14.02 -10.95 -13.54
CA ASP A 241 14.63 -10.33 -12.35
C ASP A 241 16.04 -10.83 -12.11
N ASN A 242 16.34 -12.09 -12.45
CA ASN A 242 17.64 -12.63 -12.08
C ASN A 242 18.69 -12.47 -13.17
N GLY A 243 18.39 -11.72 -14.23
CA GLY A 243 19.35 -11.55 -15.32
C GLY A 243 18.95 -10.47 -16.29
N ALA A 244 18.37 -9.37 -15.80
CA ALA A 244 17.92 -8.28 -16.65
C ALA A 244 19.08 -7.72 -17.47
N VAL A 245 18.76 -7.18 -18.64
CA VAL A 245 19.72 -6.62 -19.59
C VAL A 245 19.24 -5.23 -20.00
N ALA A 246 20.09 -4.22 -19.79
CA ALA A 246 19.84 -2.89 -20.30
C ALA A 246 20.29 -2.85 -21.74
N VAL A 247 19.39 -2.51 -22.63
CA VAL A 247 19.70 -2.34 -24.04
C VAL A 247 19.95 -0.86 -24.29
N VAL A 248 21.12 -0.54 -24.82
CA VAL A 248 21.56 0.83 -25.00
C VAL A 248 21.42 1.16 -26.48
N LYS A 249 20.71 2.24 -26.79
CA LYS A 249 20.53 2.68 -28.15
C LYS A 249 21.05 4.11 -28.27
N TYR A 250 21.69 4.38 -29.38
CA TYR A 250 22.12 5.71 -29.75
C TYR A 250 21.49 5.97 -31.10
N ASN A 251 20.69 7.03 -31.20
CA ASN A 251 19.98 7.36 -32.42
C ASN A 251 19.12 6.18 -32.87
N GLY A 252 18.47 5.51 -31.91
CA GLY A 252 17.55 4.43 -32.22
C GLY A 252 18.20 3.10 -32.60
N ILE A 253 19.52 3.03 -32.66
CA ILE A 253 20.23 1.82 -33.08
C ILE A 253 20.90 1.18 -31.86
N ILE A 254 20.77 -0.15 -31.71
CA ILE A 254 21.41 -0.81 -30.56
C ILE A 254 22.92 -0.69 -30.66
N THR A 255 23.54 -0.19 -29.59
CA THR A 255 24.97 0.02 -29.56
C THR A 255 25.68 -0.73 -28.45
N ASP A 256 24.98 -1.14 -27.38
CA ASP A 256 25.61 -1.85 -26.28
C ASP A 256 24.53 -2.53 -25.44
N THR A 257 24.97 -3.44 -24.59
CA THR A 257 24.10 -3.99 -23.57
C THR A 257 24.88 -4.03 -22.25
N ILE A 258 24.16 -3.99 -21.15
CA ILE A 258 24.71 -4.08 -19.80
C ILE A 258 23.85 -5.08 -19.06
N LYS A 259 24.44 -6.18 -18.61
CA LYS A 259 23.66 -7.21 -17.94
C LYS A 259 23.84 -7.10 -16.42
N SER A 260 22.78 -7.49 -15.71
CA SER A 260 22.72 -7.56 -14.26
C SER A 260 23.95 -8.28 -13.70
N TRP A 261 24.68 -7.64 -12.81
CA TRP A 261 25.89 -8.25 -12.24
C TRP A 261 25.66 -8.84 -10.86
N ARG A 262 24.46 -8.67 -10.31
CA ARG A 262 24.09 -9.31 -9.06
C ARG A 262 22.85 -10.16 -9.18
N ASN A 263 22.21 -10.23 -10.36
CA ASN A 263 21.03 -11.08 -10.55
C ASN A 263 19.90 -10.68 -9.61
N ASN A 264 19.74 -9.38 -9.39
CA ASN A 264 18.69 -9.01 -8.48
C ASN A 264 18.10 -7.65 -8.88
N ILE A 265 17.38 -7.65 -10.02
CA ILE A 265 16.63 -6.50 -10.53
C ILE A 265 17.55 -5.32 -10.82
N LEU A 266 18.39 -5.47 -11.86
CA LEU A 266 19.09 -4.34 -12.45
C LEU A 266 18.09 -3.21 -12.78
N ARG A 267 18.41 -1.97 -12.42
CA ARG A 267 17.43 -0.89 -12.53
C ARG A 267 18.14 0.45 -12.48
N THR A 268 17.55 1.45 -13.13
CA THR A 268 18.29 2.69 -13.32
C THR A 268 17.41 3.91 -13.01
N GLN A 269 17.68 5.07 -13.66
CA GLN A 269 17.28 6.38 -13.10
C GLN A 269 15.78 6.63 -13.12
N GLU A 270 15.11 6.27 -14.21
CA GLU A 270 13.72 6.72 -14.47
C GLU A 270 13.63 8.24 -14.62
N SER A 271 14.72 8.85 -15.07
CA SER A 271 14.78 10.25 -15.50
C SER A 271 16.02 10.36 -16.36
N GLU A 272 16.31 11.55 -16.86
CA GLU A 272 17.35 11.67 -17.88
C GLU A 272 18.75 11.41 -17.35
N CYS A 273 19.61 10.85 -18.22
CA CYS A 273 21.04 10.80 -17.92
C CYS A 273 21.63 12.20 -18.14
N ALA A 274 22.92 12.36 -17.87
CA ALA A 274 23.58 13.66 -17.95
C ALA A 274 24.70 13.59 -18.99
N CYS A 275 24.76 14.57 -19.89
CA CYS A 275 25.78 14.58 -20.93
C CYS A 275 26.71 15.77 -20.78
N VAL A 276 28.01 15.50 -20.92
CA VAL A 276 29.08 16.49 -20.83
C VAL A 276 30.11 16.19 -21.92
N ASN A 277 30.24 17.07 -22.90
CA ASN A 277 31.32 17.01 -23.88
C ASN A 277 31.31 15.67 -24.63
N GLY A 278 30.13 15.16 -24.94
CA GLY A 278 30.07 13.95 -25.75
C GLY A 278 30.07 12.65 -24.97
N SER A 279 30.20 12.70 -23.64
CA SER A 279 30.03 11.53 -22.79
C SER A 279 28.77 11.70 -21.96
N CYS A 280 28.01 10.62 -21.86
CA CYS A 280 26.79 10.60 -21.09
C CYS A 280 26.93 9.62 -19.94
N PHE A 281 26.25 9.95 -18.84
CA PHE A 281 26.50 9.32 -17.56
C PHE A 281 25.17 8.92 -16.92
N THR A 282 25.14 7.73 -16.35
CA THR A 282 23.96 7.26 -15.64
C THR A 282 24.42 6.43 -14.47
N VAL A 283 23.49 6.10 -13.59
CA VAL A 283 23.74 5.28 -12.43
C VAL A 283 22.78 4.11 -12.49
N MET A 284 23.27 2.89 -12.18
CA MET A 284 22.40 1.74 -12.05
C MET A 284 22.68 1.01 -10.74
N THR A 285 21.66 0.30 -10.28
CA THR A 285 21.68 -0.42 -9.01
C THR A 285 21.31 -1.87 -9.30
N ASP A 286 21.91 -2.79 -8.57
CA ASP A 286 21.56 -4.20 -8.69
C ASP A 286 21.64 -4.79 -7.29
N GLY A 287 20.55 -5.42 -6.84
CA GLY A 287 20.51 -5.86 -5.48
C GLY A 287 19.22 -5.53 -4.74
N PRO A 288 19.26 -5.80 -3.44
CA PRO A 288 18.09 -5.59 -2.56
C PRO A 288 17.57 -4.15 -2.62
N SER A 289 16.28 -4.00 -2.43
CA SER A 289 15.72 -2.66 -2.25
C SER A 289 15.46 -2.35 -0.78
N ASN A 290 15.70 -3.31 0.11
CA ASN A 290 15.49 -3.16 1.53
C ASN A 290 16.78 -3.49 2.28
N GLY A 291 17.92 -3.25 1.65
CA GLY A 291 19.18 -3.60 2.27
C GLY A 291 20.28 -3.06 1.39
N GLN A 292 21.52 -3.26 1.85
CA GLN A 292 22.70 -2.91 1.07
C GLN A 292 22.61 -3.52 -0.31
N ALA A 293 22.88 -2.71 -1.34
CA ALA A 293 22.85 -3.19 -2.71
C ALA A 293 24.13 -2.71 -3.38
N SER A 294 24.24 -2.85 -4.70
CA SER A 294 25.44 -2.49 -5.43
C SER A 294 25.06 -1.38 -6.40
N TYR A 295 25.95 -0.38 -6.54
CA TYR A 295 25.66 0.82 -7.34
C TYR A 295 26.82 1.05 -8.28
N LYS A 296 26.54 1.22 -9.56
CA LYS A 296 27.58 1.46 -10.56
C LYS A 296 27.32 2.77 -11.30
N ILE A 297 28.40 3.50 -11.58
CA ILE A 297 28.34 4.66 -12.48
C ILE A 297 28.86 4.22 -13.85
N PHE A 298 28.14 4.59 -14.92
CA PHE A 298 28.51 4.27 -16.29
C PHE A 298 28.80 5.54 -17.09
N LYS A 299 29.88 5.52 -17.85
CA LYS A 299 30.20 6.57 -18.83
C LYS A 299 29.96 5.98 -20.22
N ILE A 300 29.17 6.67 -21.05
CA ILE A 300 28.73 6.13 -22.34
C ILE A 300 28.97 7.16 -23.44
N GLU A 301 29.65 6.74 -24.51
CA GLU A 301 29.94 7.61 -25.65
C GLU A 301 29.45 6.95 -26.93
N LYS A 302 28.61 7.68 -27.66
CA LYS A 302 27.96 7.16 -28.88
C LYS A 302 27.25 5.84 -28.58
N GLY A 303 26.67 5.74 -27.39
CA GLY A 303 25.98 4.52 -26.98
C GLY A 303 26.85 3.37 -26.54
N LYS A 304 28.19 3.50 -26.54
CA LYS A 304 29.11 2.46 -26.05
C LYS A 304 29.55 2.74 -24.61
N VAL A 305 29.42 1.74 -23.74
CA VAL A 305 29.98 1.88 -22.40
C VAL A 305 31.50 1.93 -22.56
N VAL A 306 32.09 3.07 -22.21
CA VAL A 306 33.53 3.21 -22.28
C VAL A 306 34.20 3.08 -20.92
N LYS A 307 33.45 3.24 -19.82
CA LYS A 307 34.03 3.10 -18.49
C LYS A 307 32.89 2.87 -17.51
N SER A 308 33.12 2.06 -16.49
CA SER A 308 32.17 1.98 -15.40
C SER A 308 32.94 1.84 -14.08
N VAL A 309 32.31 2.22 -12.99
CA VAL A 309 32.93 2.12 -11.67
C VAL A 309 31.87 1.64 -10.69
N GLU A 310 32.22 0.67 -9.84
CA GLU A 310 31.32 0.33 -8.75
C GLU A 310 31.57 1.27 -7.57
N MET A 311 30.52 1.92 -7.08
CA MET A 311 30.66 2.83 -5.96
C MET A 311 30.90 2.04 -4.67
N ASN A 312 31.85 2.51 -3.86
CA ASN A 312 32.07 1.91 -2.53
C ASN A 312 31.27 2.74 -1.55
N ALA A 313 30.06 2.30 -1.26
CA ALA A 313 29.12 3.11 -0.50
C ALA A 313 28.50 2.31 0.63
N PRO A 314 29.31 1.81 1.57
CA PRO A 314 28.74 1.02 2.66
C PRO A 314 27.77 1.87 3.47
N ASN A 315 26.63 1.28 3.80
CA ASN A 315 25.53 1.83 4.57
C ASN A 315 24.72 2.87 3.79
N TYR A 316 25.07 3.16 2.54
CA TYR A 316 24.27 3.98 1.62
C TYR A 316 23.36 3.12 0.76
N HIS A 317 22.26 3.71 0.28
CA HIS A 317 21.37 3.03 -0.66
C HIS A 317 20.93 4.01 -1.74
N TYR A 318 21.15 3.63 -3.02
CA TYR A 318 20.92 4.45 -4.19
C TYR A 318 19.92 3.79 -5.13
N GLU A 319 18.86 4.53 -5.44
CA GLU A 319 17.86 4.11 -6.41
C GLU A 319 17.35 5.33 -7.15
N GLU A 320 17.03 5.12 -8.42
CA GLU A 320 16.25 6.10 -9.20
C GLU A 320 16.87 7.50 -9.10
N CYS A 321 18.12 7.57 -9.54
CA CYS A 321 18.90 8.78 -9.41
C CYS A 321 18.45 9.86 -10.40
N SER A 322 18.34 11.09 -9.90
CA SER A 322 18.16 12.28 -10.74
C SER A 322 19.53 12.93 -10.90
N CYS A 323 20.06 12.89 -12.11
CA CYS A 323 21.42 13.35 -12.39
C CYS A 323 21.39 14.53 -13.36
N TYR A 324 22.19 15.54 -13.05
CA TYR A 324 22.32 16.69 -13.91
C TYR A 324 23.79 17.06 -14.02
N PRO A 325 24.18 17.74 -15.10
CA PRO A 325 25.52 18.29 -15.20
C PRO A 325 25.61 19.64 -14.52
N ASP A 326 26.79 19.93 -13.96
CA ASP A 326 27.00 21.21 -13.29
C ASP A 326 28.50 21.47 -13.33
N ALA A 327 28.90 22.43 -14.15
CA ALA A 327 30.29 22.87 -14.21
C ALA A 327 31.20 21.74 -14.67
N GLY A 328 30.71 20.90 -15.58
CA GLY A 328 31.51 19.85 -16.16
C GLY A 328 31.63 18.58 -15.35
N ASP A 329 31.02 18.51 -14.18
CA ASP A 329 30.91 17.31 -13.37
C ASP A 329 29.43 16.91 -13.39
N ILE A 330 29.11 15.79 -12.76
CA ILE A 330 27.74 15.30 -12.69
C ILE A 330 27.35 15.23 -11.21
N MET A 331 26.13 15.65 -10.89
CA MET A 331 25.58 15.50 -9.54
C MET A 331 24.31 14.67 -9.64
N CYS A 332 24.17 13.67 -8.77
CA CYS A 332 22.97 12.86 -8.76
C CYS A 332 22.39 12.87 -7.36
N VAL A 333 21.08 13.03 -7.28
CA VAL A 333 20.36 13.01 -6.02
C VAL A 333 19.35 11.89 -6.14
N CYS A 334 19.35 10.98 -5.17
CA CYS A 334 18.71 9.71 -5.43
C CYS A 334 17.74 9.36 -4.31
N ARG A 335 17.32 8.11 -4.29
CA ARG A 335 16.31 7.62 -3.37
C ARG A 335 16.98 6.51 -2.55
N ASP A 336 16.94 6.63 -1.22
CA ASP A 336 17.39 5.57 -0.31
C ASP A 336 16.15 4.79 0.06
N ASN A 337 16.01 3.58 -0.47
CA ASN A 337 14.83 2.80 -0.18
C ASN A 337 15.03 1.90 1.04
N TRP A 338 16.26 1.84 1.54
CA TRP A 338 16.64 0.98 2.65
C TRP A 338 16.37 1.62 4.03
N HIS A 339 17.00 2.76 4.32
CA HIS A 339 16.92 3.32 5.67
C HIS A 339 17.29 4.82 5.70
N GLY A 340 16.81 5.57 4.69
CA GLY A 340 17.08 6.99 4.60
C GLY A 340 15.85 7.80 4.21
N SER A 341 15.45 8.75 5.09
CA SER A 341 14.37 9.72 4.87
C SER A 341 14.86 11.04 4.26
N ASN A 342 16.16 11.27 4.27
CA ASN A 342 16.84 12.27 3.47
C ASN A 342 17.43 11.57 2.24
N ARG A 343 17.87 12.38 1.25
CA ARG A 343 18.29 11.73 0.02
C ARG A 343 19.80 11.59 -0.06
N PRO A 344 20.21 10.45 -0.61
CA PRO A 344 21.62 10.25 -0.95
C PRO A 344 22.01 10.99 -2.21
N TRP A 345 23.28 11.35 -2.29
CA TRP A 345 23.82 11.92 -3.52
C TRP A 345 25.17 11.29 -3.83
N VAL A 346 25.54 11.38 -5.11
CA VAL A 346 26.84 10.97 -5.62
C VAL A 346 27.21 11.96 -6.70
N SER A 347 28.43 12.45 -6.68
CA SER A 347 28.90 13.37 -7.71
C SER A 347 30.18 12.81 -8.27
N PHE A 348 30.45 13.08 -9.56
CA PHE A 348 31.66 12.53 -10.16
C PHE A 348 32.10 13.37 -11.33
N ASN A 349 33.39 13.25 -11.67
CA ASN A 349 33.91 13.91 -12.85
C ASN A 349 33.88 12.95 -14.07
N GLN A 350 34.37 13.43 -15.21
CA GLN A 350 34.30 12.65 -16.44
C GLN A 350 35.12 11.37 -16.39
N ASN A 351 36.02 11.25 -15.41
CA ASN A 351 36.80 10.05 -15.18
C ASN A 351 36.19 9.13 -14.12
N LEU A 352 34.97 9.42 -13.68
CA LEU A 352 34.22 8.61 -12.73
C LEU A 352 34.88 8.55 -11.35
N GLU A 353 35.74 9.51 -11.04
CA GLU A 353 36.14 9.75 -9.66
C GLU A 353 34.98 10.44 -8.97
N TYR A 354 34.48 9.85 -7.89
CA TYR A 354 33.20 10.24 -7.32
C TYR A 354 33.34 10.58 -5.84
N GLN A 355 32.34 11.30 -5.34
CA GLN A 355 32.14 11.51 -3.91
C GLN A 355 30.70 11.17 -3.58
N ILE A 356 30.45 10.85 -2.32
CA ILE A 356 29.12 10.46 -1.87
C ILE A 356 28.79 11.15 -0.55
N GLY A 357 27.49 11.20 -0.28
CA GLY A 357 27.00 11.72 1.00
C GLY A 357 25.49 11.72 0.99
N TYR A 358 24.91 12.30 2.03
CA TYR A 358 23.46 12.54 2.10
C TYR A 358 23.21 14.03 2.29
N ILE A 359 22.07 14.51 1.79
CA ILE A 359 21.68 15.90 1.99
C ILE A 359 21.42 16.10 3.48
N CYS A 360 22.14 17.04 4.09
CA CYS A 360 22.16 17.22 5.56
C CYS A 360 20.93 17.93 6.11
N SER A 361 20.24 18.70 5.27
CA SER A 361 19.15 19.54 5.75
C SER A 361 18.18 18.75 6.61
N GLY A 362 17.69 19.37 7.69
CA GLY A 362 16.58 18.78 8.41
C GLY A 362 15.25 18.88 7.70
N ILE A 363 15.22 19.49 6.51
CA ILE A 363 14.07 19.51 5.62
C ILE A 363 14.18 18.23 4.79
N PHE A 364 13.67 17.12 5.32
CA PHE A 364 13.90 15.81 4.72
C PHE A 364 13.17 15.71 3.37
N GLY A 365 13.87 15.16 2.37
CA GLY A 365 13.35 15.23 1.01
C GLY A 365 12.59 14.02 0.51
N ASP A 366 12.67 12.90 1.22
CA ASP A 366 12.05 11.68 0.73
C ASP A 366 10.61 11.59 1.24
N ASN A 367 9.90 10.58 0.76
CA ASN A 367 8.56 10.24 1.17
C ASN A 367 8.46 8.72 1.24
N PRO A 368 8.07 8.14 2.39
CA PRO A 368 7.74 8.77 3.70
C PRO A 368 8.95 9.38 4.38
N ARG A 369 8.74 10.07 5.49
CA ARG A 369 9.78 10.84 6.18
C ARG A 369 9.24 11.26 7.52
N PRO A 370 10.10 11.71 8.43
CA PRO A 370 9.61 12.34 9.67
C PRO A 370 9.27 13.79 9.42
N ASN A 371 8.62 14.40 10.42
CA ASN A 371 8.48 15.86 10.40
C ASN A 371 9.87 16.46 10.48
N ASP A 372 10.00 17.65 9.90
CA ASP A 372 11.30 18.30 9.90
C ASP A 372 11.78 18.52 11.33
N LYS A 373 13.07 18.33 11.51
CA LYS A 373 13.81 18.48 12.77
C LYS A 373 15.27 18.42 12.38
N THR A 374 16.15 18.43 13.35
CA THR A 374 17.57 18.34 13.04
C THR A 374 17.86 17.11 12.20
N GLY A 375 18.59 17.32 11.12
CA GLY A 375 18.83 16.30 10.13
C GLY A 375 20.16 15.64 10.36
N SER A 376 20.67 15.00 9.31
CA SER A 376 21.92 14.27 9.45
C SER A 376 22.62 14.21 8.11
N CYS A 377 23.95 14.15 8.16
CA CYS A 377 24.71 14.00 6.93
C CYS A 377 24.89 12.53 6.52
N GLY A 378 24.26 11.62 7.25
CA GLY A 378 24.15 10.24 6.84
C GLY A 378 22.68 9.89 6.77
N PRO A 379 22.35 8.62 6.57
CA PRO A 379 20.94 8.28 6.34
C PRO A 379 20.12 8.45 7.61
N VAL A 380 18.99 9.16 7.49
CA VAL A 380 18.04 9.35 8.57
C VAL A 380 17.11 8.14 8.57
N SER A 381 17.24 7.27 9.58
CA SER A 381 16.59 5.96 9.48
C SER A 381 15.11 6.02 9.79
N SER A 382 14.66 7.01 10.57
CA SER A 382 13.25 7.13 10.93
C SER A 382 12.37 7.27 9.69
N ASN A 383 11.43 6.35 9.53
CA ASN A 383 10.60 6.25 8.32
C ASN A 383 11.46 6.16 7.06
N GLY A 384 12.73 5.73 7.16
CA GLY A 384 13.63 5.82 6.04
C GLY A 384 13.44 4.75 4.97
N ALA A 385 12.75 3.67 5.30
CA ALA A 385 12.58 2.59 4.34
C ALA A 385 11.53 3.02 3.32
N ASN A 386 11.53 2.37 2.15
CA ASN A 386 10.69 2.81 1.03
C ASN A 386 11.10 4.21 0.64
N GLY A 387 10.34 4.89 -0.21
CA GLY A 387 10.82 6.14 -0.74
C GLY A 387 9.99 6.57 -1.94
N VAL A 388 10.48 7.61 -2.62
CA VAL A 388 9.87 8.10 -3.85
C VAL A 388 11.00 8.72 -4.65
N LYS A 389 10.98 8.50 -5.97
CA LYS A 389 11.93 9.17 -6.85
C LYS A 389 11.82 10.69 -6.69
N GLY A 390 12.97 11.34 -6.54
CA GLY A 390 13.00 12.76 -6.37
C GLY A 390 14.29 13.39 -6.84
N PHE A 391 14.49 14.64 -6.49
CA PHE A 391 15.64 15.39 -7.02
C PHE A 391 15.93 16.53 -6.05
N SER A 392 17.10 17.14 -6.24
CA SER A 392 17.42 18.41 -5.59
C SER A 392 18.52 19.03 -6.42
N PHE A 393 18.66 20.34 -6.32
CA PHE A 393 19.71 21.07 -7.00
C PHE A 393 20.62 21.71 -5.97
N LYS A 394 21.91 21.45 -6.07
CA LYS A 394 22.89 22.01 -5.14
C LYS A 394 23.38 23.37 -5.65
N TYR A 395 23.32 24.38 -4.78
CA TYR A 395 23.89 25.69 -5.08
C TYR A 395 24.85 26.07 -3.95
N GLY A 396 26.16 25.86 -4.15
CA GLY A 396 27.11 26.09 -3.07
C GLY A 396 26.82 25.14 -1.93
N ASN A 397 26.63 25.69 -0.72
CA ASN A 397 26.18 24.90 0.43
C ASN A 397 24.66 24.84 0.56
N GLY A 398 23.93 25.60 -0.28
CA GLY A 398 22.47 25.58 -0.23
C GLY A 398 21.89 24.55 -1.19
N VAL A 399 20.58 24.32 -1.07
CA VAL A 399 19.95 23.29 -1.88
C VAL A 399 18.52 23.72 -2.18
N TRP A 400 18.09 23.53 -3.43
CA TRP A 400 16.67 23.55 -3.77
C TRP A 400 16.13 22.13 -3.66
N ILE A 401 15.20 21.91 -2.73
CA ILE A 401 14.60 20.60 -2.47
C ILE A 401 13.20 20.64 -3.06
N GLY A 402 12.86 19.67 -3.90
CA GLY A 402 11.47 19.45 -4.27
C GLY A 402 10.98 18.23 -3.51
N ARG A 403 9.78 18.33 -2.92
CA ARG A 403 9.35 17.19 -2.12
C ARG A 403 7.83 17.17 -2.02
N THR A 404 7.28 16.01 -1.64
CA THR A 404 5.85 15.98 -1.34
C THR A 404 5.57 16.91 -0.16
N LYS A 405 4.30 17.29 0.00
CA LYS A 405 3.92 18.03 1.20
C LYS A 405 3.57 17.11 2.35
N SER A 406 3.02 15.93 2.06
CA SER A 406 2.69 14.95 3.08
C SER A 406 3.95 14.20 3.48
N ILE A 407 4.09 13.89 4.79
CA ILE A 407 5.25 13.10 5.23
C ILE A 407 5.04 11.61 5.05
N SER A 408 3.82 11.17 4.80
CA SER A 408 3.44 9.78 4.83
C SER A 408 2.90 9.23 3.51
N SER A 409 2.40 10.05 2.60
CA SER A 409 1.95 9.55 1.31
C SER A 409 2.27 10.55 0.21
N ARG A 410 2.06 10.14 -1.02
CA ARG A 410 2.52 10.92 -2.17
C ARG A 410 1.45 11.96 -2.51
N ASN A 411 1.41 12.99 -1.66
CA ASN A 411 0.44 14.09 -1.77
C ASN A 411 1.13 15.44 -1.67
N GLY A 412 0.72 16.36 -2.54
CA GLY A 412 1.25 17.69 -2.58
C GLY A 412 2.63 17.73 -3.18
N PHE A 413 3.10 18.93 -3.47
CA PHE A 413 4.49 19.10 -3.88
C PHE A 413 4.87 20.54 -3.64
N GLU A 414 6.13 20.74 -3.24
CA GLU A 414 6.64 22.07 -2.95
C GLU A 414 8.12 22.14 -3.28
N MET A 415 8.58 23.36 -3.65
CA MET A 415 10.00 23.65 -3.82
C MET A 415 10.47 24.46 -2.62
N ILE A 416 11.61 24.10 -2.04
CA ILE A 416 12.14 24.76 -0.84
C ILE A 416 13.60 25.15 -1.08
N TRP A 417 13.90 26.44 -0.94
CA TRP A 417 15.26 26.92 -1.02
C TRP A 417 15.81 26.97 0.41
N ASP A 418 16.77 26.11 0.70
CA ASP A 418 17.41 26.03 2.01
C ASP A 418 18.85 26.47 1.83
N PRO A 419 19.20 27.72 2.17
CA PRO A 419 20.50 28.27 1.75
C PRO A 419 21.72 27.62 2.40
N ASN A 420 21.55 26.78 3.42
CA ASN A 420 22.71 26.03 3.93
C ASN A 420 22.42 24.53 4.00
N GLY A 421 21.39 24.07 3.27
CA GLY A 421 20.85 22.75 3.51
C GLY A 421 21.65 21.60 2.92
N TRP A 422 22.57 21.88 2.02
CA TRP A 422 23.38 20.80 1.50
C TRP A 422 24.31 20.24 2.58
N THR A 423 24.86 21.10 3.42
CA THR A 423 25.87 20.70 4.37
C THR A 423 25.46 20.85 5.83
N GLU A 424 24.36 21.55 6.14
CA GLU A 424 23.97 21.83 7.53
C GLU A 424 22.67 21.12 7.89
N THR A 425 22.47 20.88 9.19
CA THR A 425 21.44 19.96 9.64
C THR A 425 20.20 20.61 10.21
N ASP A 426 20.18 21.93 10.28
CA ASP A 426 18.99 22.59 10.79
C ASP A 426 17.83 22.39 9.82
N SER A 427 16.62 22.65 10.32
CA SER A 427 15.41 22.52 9.51
C SER A 427 14.78 23.88 9.20
N SER A 428 15.60 24.93 9.12
CA SER A 428 15.16 26.26 8.68
C SER A 428 15.51 26.47 7.21
N PHE A 429 14.57 27.04 6.48
CA PHE A 429 14.73 27.34 5.08
C PHE A 429 14.27 28.77 4.88
N SER A 430 14.51 29.32 3.69
CA SER A 430 14.14 30.72 3.51
C SER A 430 13.05 30.97 2.48
N VAL A 431 12.79 30.05 1.54
CA VAL A 431 11.76 30.24 0.51
C VAL A 431 11.03 28.93 0.26
N LYS A 432 9.70 28.97 0.23
CA LYS A 432 8.87 27.85 -0.22
C LYS A 432 7.98 28.30 -1.37
N GLN A 433 7.92 27.49 -2.41
CA GLN A 433 7.02 27.75 -3.53
C GLN A 433 6.13 26.54 -3.67
N ASP A 434 4.83 26.74 -3.48
CA ASP A 434 3.88 25.65 -3.66
C ASP A 434 3.79 25.23 -5.13
N ILE A 435 3.65 23.93 -5.33
CA ILE A 435 3.52 23.33 -6.66
C ILE A 435 2.22 22.53 -6.78
N VAL A 436 1.95 21.67 -5.79
CA VAL A 436 0.70 20.92 -5.76
C VAL A 436 0.17 20.97 -4.32
N GLY A 437 -1.13 21.25 -4.16
CA GLY A 437 -1.66 21.40 -2.81
C GLY A 437 -1.62 20.10 -2.02
N ILE A 438 -1.61 20.24 -0.68
CA ILE A 438 -1.40 19.12 0.23
C ILE A 438 -2.43 18.01 0.01
N ASN A 439 -3.64 18.36 -0.40
CA ASN A 439 -4.66 17.33 -0.54
C ASN A 439 -4.67 16.69 -1.92
N GLU A 440 -3.72 17.04 -2.78
CA GLU A 440 -3.73 16.63 -4.17
C GLU A 440 -2.68 15.57 -4.38
N TRP A 441 -2.97 14.64 -5.30
CA TRP A 441 -2.08 13.51 -5.58
C TRP A 441 -0.82 14.01 -6.25
N SER A 442 0.32 13.50 -5.80
CA SER A 442 1.55 13.76 -6.54
C SER A 442 2.24 12.41 -6.82
N GLY A 443 3.57 12.36 -6.71
CA GLY A 443 4.30 11.16 -7.09
C GLY A 443 5.76 11.37 -7.41
N TYR A 444 6.27 10.62 -8.40
CA TYR A 444 7.67 10.72 -8.77
C TYR A 444 8.01 12.15 -9.21
N SER A 445 9.29 12.50 -9.09
CA SER A 445 9.71 13.79 -9.66
C SER A 445 11.17 13.66 -10.05
N GLY A 446 11.60 14.51 -10.97
CA GLY A 446 12.99 14.38 -11.37
C GLY A 446 13.50 15.67 -11.96
N SER A 447 14.82 15.77 -12.03
CA SER A 447 15.42 16.94 -12.64
C SER A 447 15.53 16.76 -14.16
N PHE A 448 15.51 17.88 -14.86
CA PHE A 448 16.05 17.95 -16.20
C PHE A 448 16.64 19.33 -16.38
N VAL A 449 17.58 19.43 -17.32
CA VAL A 449 18.28 20.68 -17.59
C VAL A 449 17.99 21.14 -19.01
N GLN A 450 18.20 22.43 -19.24
CA GLN A 450 18.29 22.95 -20.59
C GLN A 450 19.67 23.55 -20.74
N HIS A 451 20.41 23.06 -21.74
CA HIS A 451 21.78 23.46 -21.94
C HIS A 451 21.87 24.82 -22.65
N PRO A 452 23.01 25.51 -22.48
CA PRO A 452 23.21 26.78 -23.20
C PRO A 452 23.05 26.65 -24.72
N GLU A 453 23.45 25.52 -25.33
CA GLU A 453 23.30 25.37 -26.78
C GLU A 453 21.85 25.48 -27.21
N MET A 454 20.91 25.21 -26.31
CA MET A 454 19.48 25.33 -26.59
C MET A 454 18.91 26.66 -26.13
N THR A 455 19.31 27.15 -24.97
CA THR A 455 18.71 28.36 -24.43
C THR A 455 19.38 29.64 -24.89
N GLY A 456 20.64 29.58 -25.33
CA GLY A 456 21.38 30.81 -25.52
C GLY A 456 21.91 31.45 -24.24
N LEU A 457 21.57 30.90 -23.07
CA LEU A 457 22.10 31.44 -21.81
C LEU A 457 23.56 31.05 -21.64
N ASP A 458 24.22 31.66 -20.66
CA ASP A 458 25.60 31.28 -20.37
C ASP A 458 25.69 30.34 -19.18
N CYS A 459 24.59 29.68 -18.83
CA CYS A 459 24.51 28.84 -17.65
C CYS A 459 23.57 27.69 -17.93
N MET A 460 23.65 26.71 -17.05
CA MET A 460 22.88 25.48 -17.12
C MET A 460 21.51 25.71 -16.48
N ARG A 461 20.45 25.54 -17.27
CA ARG A 461 19.18 25.86 -16.64
C ARG A 461 18.59 24.64 -15.95
N PRO A 462 18.19 24.76 -14.68
CA PRO A 462 17.56 23.62 -13.99
C PRO A 462 16.05 23.62 -14.14
N CYS A 463 15.50 22.42 -14.30
CA CYS A 463 14.07 22.24 -14.44
C CYS A 463 13.67 20.98 -13.70
N PHE A 464 12.38 20.80 -13.50
CA PHE A 464 11.96 19.54 -12.90
C PHE A 464 10.57 19.20 -13.37
N TRP A 465 10.27 17.93 -13.27
CA TRP A 465 8.94 17.46 -13.60
C TRP A 465 8.38 16.75 -12.38
N VAL A 466 7.06 16.72 -12.31
CA VAL A 466 6.35 15.97 -11.27
C VAL A 466 5.32 15.07 -11.93
N GLU A 467 5.22 13.83 -11.44
CA GLU A 467 4.23 12.86 -11.88
C GLU A 467 3.09 12.86 -10.89
N LEU A 468 1.87 12.96 -11.37
CA LEU A 468 0.69 13.06 -10.52
C LEU A 468 -0.04 11.74 -10.63
N ILE A 469 0.13 10.88 -9.62
CA ILE A 469 -0.29 9.49 -9.70
C ILE A 469 -1.75 9.38 -9.30
N ARG A 470 -2.55 8.74 -10.16
CA ARG A 470 -3.96 8.50 -9.92
C ARG A 470 -4.28 7.02 -9.96
N GLY A 471 -5.27 6.63 -9.17
CA GLY A 471 -5.73 5.24 -9.25
C GLY A 471 -5.26 4.34 -8.10
N ARG A 472 -4.96 3.09 -8.41
CA ARG A 472 -4.53 2.13 -7.38
C ARG A 472 -3.16 2.51 -6.84
N PRO A 473 -2.87 2.19 -5.57
CA PRO A 473 -3.73 1.56 -4.56
C PRO A 473 -4.59 2.60 -3.84
N LYS A 474 -4.36 3.91 -4.00
CA LYS A 474 -5.05 4.88 -3.16
C LYS A 474 -6.50 5.09 -3.53
N GLU A 475 -6.88 4.74 -4.76
CA GLU A 475 -8.24 5.00 -5.24
C GLU A 475 -8.83 3.72 -5.82
N ASN A 476 -10.15 3.68 -5.88
CA ASN A 476 -10.86 2.45 -6.20
C ASN A 476 -11.00 2.28 -7.73
N THR A 477 -9.86 2.13 -8.40
CA THR A 477 -9.83 1.87 -9.83
C THR A 477 -9.13 0.54 -10.07
N ILE A 478 -9.19 0.04 -11.31
CA ILE A 478 -8.41 -1.14 -11.64
C ILE A 478 -7.03 -0.78 -12.13
N TRP A 479 -6.75 0.51 -12.37
CA TRP A 479 -5.58 0.94 -13.09
C TRP A 479 -4.81 1.99 -12.28
N THR A 480 -3.59 2.29 -12.73
CA THR A 480 -2.78 3.35 -12.14
C THR A 480 -2.15 4.10 -13.28
N SER A 481 -2.22 5.42 -13.26
CA SER A 481 -1.48 6.16 -14.27
C SER A 481 -0.98 7.43 -13.63
N GLY A 482 -0.05 8.11 -14.30
CA GLY A 482 0.36 9.45 -13.88
C GLY A 482 0.12 10.45 -15.01
N SER A 483 -0.23 11.68 -14.64
CA SER A 483 -0.06 12.77 -15.59
C SER A 483 1.15 13.58 -15.13
N SER A 484 1.49 14.63 -15.86
CA SER A 484 2.68 15.39 -15.47
C SER A 484 2.48 16.90 -15.56
N ILE A 485 3.32 17.59 -14.80
CA ILE A 485 3.52 19.03 -14.84
C ILE A 485 5.03 19.20 -14.81
N SER A 486 5.52 20.34 -15.32
CA SER A 486 6.94 20.62 -15.21
C SER A 486 7.15 22.11 -15.06
N PHE A 487 8.34 22.47 -14.55
CA PHE A 487 8.71 23.84 -14.22
C PHE A 487 10.17 24.06 -14.58
N CYS A 488 10.51 25.29 -14.95
CA CYS A 488 11.92 25.65 -15.10
C CYS A 488 12.27 26.75 -14.12
N GLY A 489 13.54 26.76 -13.70
CA GLY A 489 14.02 27.77 -12.77
C GLY A 489 14.31 29.09 -13.49
N VAL A 490 13.85 30.20 -12.90
CA VAL A 490 14.11 31.50 -13.50
C VAL A 490 14.55 32.48 -12.42
N ASN A 491 15.28 33.50 -12.87
CA ASN A 491 15.65 34.59 -11.99
C ASN A 491 14.78 35.82 -12.29
N SER A 492 13.47 35.61 -12.19
CA SER A 492 12.46 36.65 -12.38
C SER A 492 11.26 36.24 -11.55
N ASP A 493 10.20 37.03 -11.59
CA ASP A 493 9.08 36.81 -10.69
C ASP A 493 8.35 35.53 -10.97
N THR A 494 7.95 34.83 -9.91
CA THR A 494 7.21 33.59 -10.04
C THR A 494 6.13 33.57 -8.99
N VAL A 495 5.36 32.48 -8.93
CA VAL A 495 4.28 32.38 -7.97
C VAL A 495 4.02 30.92 -7.67
N GLY A 496 3.63 30.64 -6.43
CA GLY A 496 3.18 29.32 -6.05
C GLY A 496 1.68 29.14 -6.27
N TRP A 497 1.28 27.91 -6.49
CA TRP A 497 -0.12 27.58 -6.69
C TRP A 497 -0.22 26.08 -6.53
N SER A 498 -1.33 25.52 -7.02
CA SER A 498 -1.54 24.09 -7.06
C SER A 498 -1.99 23.74 -8.46
N TRP A 499 -1.21 22.91 -9.15
CA TRP A 499 -1.53 22.45 -10.51
C TRP A 499 -1.74 20.95 -10.48
N PRO A 500 -2.88 20.48 -10.03
CA PRO A 500 -3.00 19.03 -9.83
C PRO A 500 -3.52 18.32 -11.05
N ASP A 501 -3.72 17.00 -10.92
CA ASP A 501 -4.06 16.17 -12.07
C ASP A 501 -5.44 16.54 -12.63
N GLY A 502 -6.46 16.51 -11.78
CA GLY A 502 -7.77 17.02 -12.15
C GLY A 502 -8.74 16.00 -12.73
N ALA A 503 -8.32 14.74 -12.90
CA ALA A 503 -9.26 13.73 -13.41
C ALA A 503 -10.26 13.38 -12.30
N GLU A 504 -11.45 12.98 -12.72
CA GLU A 504 -12.52 12.54 -11.83
C GLU A 504 -12.59 11.01 -11.91
N LEU A 505 -12.15 10.35 -10.87
CA LEU A 505 -12.18 8.90 -10.80
C LEU A 505 -13.39 8.46 -10.01
N PRO A 506 -13.88 7.25 -10.21
CA PRO A 506 -13.41 6.20 -11.13
C PRO A 506 -13.76 6.53 -12.58
N PHE A 507 -13.16 5.81 -13.52
CA PHE A 507 -13.54 5.88 -14.92
C PHE A 507 -14.58 4.79 -15.22
N THR A 508 -15.12 4.85 -16.45
CA THR A 508 -16.06 3.86 -16.98
C THR A 508 -15.56 2.43 -16.82
N ILE A 509 -14.29 2.18 -17.19
CA ILE A 509 -13.74 0.81 -17.13
C ILE A 509 -13.74 0.26 -15.72
N ASP A 510 -13.79 1.14 -14.72
CA ASP A 510 -13.70 0.67 -13.35
C ASP A 510 -15.02 0.12 -12.84
N LYS A 511 -16.11 0.42 -13.50
CA LYS A 511 -17.40 -0.15 -13.12
C LYS A 511 -17.68 -1.38 -14.01
N ILE B 108 -34.18 -23.00 48.80
CA ILE B 108 -33.09 -22.37 49.57
C ILE B 108 -31.73 -22.97 49.30
N ASN B 109 -31.58 -24.28 49.54
CA ASN B 109 -30.31 -24.94 49.22
C ASN B 109 -29.95 -24.66 47.78
N ASP B 110 -30.94 -24.69 46.91
CA ASP B 110 -30.71 -24.38 45.51
C ASP B 110 -30.28 -22.94 45.34
N ASN B 111 -31.02 -22.00 45.93
CA ASN B 111 -30.68 -20.60 45.77
C ASN B 111 -29.31 -20.26 46.34
N VAL B 112 -28.93 -20.92 47.43
CA VAL B 112 -27.60 -20.69 48.02
C VAL B 112 -26.50 -21.15 47.07
N SER B 113 -26.60 -22.36 46.54
CA SER B 113 -25.62 -22.84 45.57
C SER B 113 -25.49 -21.90 44.38
N THR B 114 -26.63 -21.41 43.87
CA THR B 114 -26.61 -20.40 42.82
C THR B 114 -25.85 -19.15 43.25
N ILE B 115 -26.15 -18.64 44.45
CA ILE B 115 -25.47 -17.43 44.94
C ILE B 115 -23.96 -17.65 45.06
N LEU B 116 -23.56 -18.82 45.55
CA LEU B 116 -22.14 -19.13 45.68
C LEU B 116 -21.46 -19.22 44.31
N ALA B 117 -22.13 -19.86 43.35
CA ALA B 117 -21.64 -19.86 41.97
C ALA B 117 -21.52 -18.45 41.42
N GLY B 118 -22.54 -17.61 41.68
CA GLY B 118 -22.54 -16.24 41.18
C GLY B 118 -21.43 -15.38 41.74
N GLY B 119 -20.96 -15.70 42.96
CA GLY B 119 -19.80 -15.01 43.50
C GLY B 119 -18.56 -15.19 42.64
N SER B 120 -18.29 -16.43 42.20
CA SER B 120 -17.21 -16.63 41.24
C SER B 120 -17.54 -16.06 39.87
N GLY B 121 -18.79 -15.66 39.61
CA GLY B 121 -19.22 -15.10 38.34
C GLY B 121 -20.12 -16.02 37.53
N THR B 122 -20.34 -17.26 37.98
CA THR B 122 -21.09 -18.25 37.22
C THR B 122 -22.59 -17.93 37.20
N GLY B 123 -23.17 -17.92 36.00
CA GLY B 123 -24.60 -17.69 35.87
C GLY B 123 -25.41 -18.95 36.21
N SER B 124 -26.73 -18.77 36.30
CA SER B 124 -27.61 -19.86 36.68
C SER B 124 -28.50 -20.33 35.54
N VAL B 125 -28.75 -19.49 34.54
CA VAL B 125 -29.62 -19.85 33.44
C VAL B 125 -28.91 -19.61 32.12
N THR B 126 -29.01 -20.57 31.21
CA THR B 126 -28.38 -20.38 29.90
C THR B 126 -29.12 -19.33 29.06
N LEU B 127 -28.37 -18.67 28.17
CA LEU B 127 -28.96 -17.83 27.14
C LEU B 127 -29.89 -18.64 26.22
N ALA B 128 -31.16 -18.19 26.10
CA ALA B 128 -32.12 -18.87 25.25
C ALA B 128 -31.72 -18.83 23.77
N GLY B 129 -31.33 -17.66 23.27
CA GLY B 129 -30.92 -17.60 21.89
C GLY B 129 -32.01 -17.80 20.86
N ASN B 130 -33.28 -17.74 21.25
CA ASN B 130 -34.37 -17.99 20.32
C ASN B 130 -34.97 -16.71 19.73
N SER B 131 -34.48 -15.54 20.11
CA SER B 131 -35.08 -14.31 19.58
C SER B 131 -34.43 -13.90 18.25
N SER B 132 -35.18 -13.10 17.50
CA SER B 132 -34.73 -12.61 16.21
C SER B 132 -33.94 -11.33 16.39
N LEU B 133 -33.15 -10.99 15.38
CA LEU B 133 -32.38 -9.75 15.44
C LEU B 133 -33.32 -8.55 15.56
N CYS B 134 -32.94 -7.61 16.43
CA CYS B 134 -33.66 -6.36 16.60
C CYS B 134 -33.77 -5.59 15.29
N PRO B 135 -34.92 -4.98 15.01
CA PRO B 135 -34.97 -3.96 13.95
C PRO B 135 -34.04 -2.80 14.29
N ILE B 136 -33.21 -2.42 13.33
CA ILE B 136 -32.27 -1.32 13.52
C ILE B 136 -32.29 -0.41 12.29
N SER B 137 -31.82 0.83 12.48
CA SER B 137 -31.65 1.74 11.36
C SER B 137 -30.22 2.20 11.16
N GLY B 138 -29.34 1.96 12.13
CA GLY B 138 -27.97 2.44 12.03
C GLY B 138 -27.17 1.95 13.21
N TRP B 139 -25.93 2.42 13.29
CA TRP B 139 -24.95 1.88 14.24
C TRP B 139 -24.44 2.99 15.15
N ALA B 140 -24.55 2.77 16.48
CA ALA B 140 -24.12 3.69 17.51
C ALA B 140 -22.79 3.22 18.06
N ILE B 141 -21.81 4.11 18.15
CA ILE B 141 -20.49 3.67 18.61
C ILE B 141 -20.57 3.20 20.05
N TYR B 142 -20.00 2.02 20.29
CA TYR B 142 -20.01 1.34 21.58
C TYR B 142 -18.65 1.47 22.25
N SER B 143 -17.55 1.21 21.54
CA SER B 143 -16.29 1.30 22.24
C SER B 143 -15.20 1.82 21.33
N LYS B 144 -14.11 2.28 21.94
CA LYS B 144 -12.84 2.50 21.27
C LYS B 144 -11.75 2.36 22.33
N ASP B 145 -10.69 1.63 22.02
CA ASP B 145 -9.70 1.40 23.08
C ASP B 145 -8.40 2.17 22.91
N ASN B 146 -8.13 2.77 21.74
CA ASN B 146 -6.90 3.56 21.58
C ASN B 146 -5.66 2.75 21.99
N GLY B 147 -5.68 1.42 21.77
CA GLY B 147 -4.62 0.58 22.32
C GLY B 147 -3.25 1.01 21.88
N ILE B 148 -3.09 1.34 20.60
CA ILE B 148 -1.76 1.60 20.06
C ILE B 148 -1.25 2.99 20.45
N ARG B 149 -2.15 4.01 20.49
CA ARG B 149 -1.78 5.32 21.04
C ARG B 149 -1.29 5.17 22.48
N ILE B 150 -2.04 4.44 23.29
CA ILE B 150 -1.68 4.27 24.71
C ILE B 150 -0.36 3.53 24.84
N GLY B 151 -0.12 2.52 23.98
CA GLY B 151 1.07 1.67 24.05
C GLY B 151 2.35 2.29 23.53
N SER B 152 2.26 3.47 22.91
CA SER B 152 3.46 4.25 22.64
C SER B 152 4.27 4.49 23.92
N LYS B 153 3.59 4.56 25.07
CA LYS B 153 4.24 4.79 26.35
C LYS B 153 3.90 3.70 27.37
N GLY B 154 2.63 3.36 27.47
CA GLY B 154 2.18 2.36 28.42
C GLY B 154 2.68 1.00 27.96
N ASP B 155 2.37 -0.01 28.78
CA ASP B 155 2.79 -1.40 28.56
C ASP B 155 1.59 -2.12 27.97
N VAL B 156 1.51 -2.17 26.64
CA VAL B 156 0.33 -2.64 25.96
C VAL B 156 0.76 -3.75 25.02
N PHE B 157 0.05 -4.87 25.07
CA PHE B 157 0.36 -5.99 24.18
C PHE B 157 0.30 -5.56 22.72
N VAL B 158 1.23 -6.07 21.93
CA VAL B 158 1.00 -6.19 20.49
C VAL B 158 -0.05 -7.26 20.26
N ILE B 159 -1.12 -6.92 19.53
CA ILE B 159 -2.27 -7.81 19.41
C ILE B 159 -2.68 -7.96 17.95
N ARG B 160 -3.50 -8.98 17.72
CA ARG B 160 -4.28 -9.14 16.50
C ARG B 160 -5.62 -9.70 16.92
N GLU B 161 -6.60 -9.57 16.03
CA GLU B 161 -7.95 -10.08 16.22
C GLU B 161 -8.60 -9.71 17.56
N PRO B 162 -8.78 -8.43 17.83
CA PRO B 162 -9.48 -8.02 19.08
C PRO B 162 -10.99 -8.20 19.02
N PHE B 163 -11.47 -9.45 19.09
CA PHE B 163 -12.90 -9.69 18.92
C PHE B 163 -13.66 -9.58 20.23
N ILE B 164 -14.91 -9.14 20.14
CA ILE B 164 -15.71 -8.91 21.35
C ILE B 164 -16.70 -10.05 21.55
N SER B 165 -16.97 -10.37 22.80
CA SER B 165 -18.00 -11.35 23.14
C SER B 165 -18.51 -10.95 24.51
N CYS B 166 -19.78 -11.25 24.77
CA CYS B 166 -20.49 -10.77 25.94
C CYS B 166 -21.09 -11.92 26.74
N SER B 167 -21.08 -11.80 28.06
CA SER B 167 -21.88 -12.72 28.86
C SER B 167 -23.29 -12.12 29.03
N HIS B 168 -23.97 -12.55 30.08
CA HIS B 168 -25.18 -11.90 30.54
C HIS B 168 -24.85 -10.74 31.48
N LEU B 169 -23.56 -10.52 31.77
CA LEU B 169 -23.14 -9.50 32.74
C LEU B 169 -22.12 -8.48 32.24
N GLU B 170 -21.28 -8.83 31.26
CA GLU B 170 -20.26 -7.90 30.76
C GLU B 170 -19.81 -8.34 29.37
N CYS B 171 -19.12 -7.44 28.69
CA CYS B 171 -18.56 -7.65 27.35
C CYS B 171 -17.06 -7.53 27.43
N ARG B 172 -16.36 -8.46 26.76
CA ARG B 172 -14.91 -8.46 26.80
C ARG B 172 -14.32 -8.43 25.40
N THR B 173 -13.14 -7.85 25.31
CA THR B 173 -12.32 -7.97 24.11
C THR B 173 -11.38 -9.16 24.32
N PHE B 174 -11.57 -10.20 23.53
CA PHE B 174 -10.61 -11.29 23.42
C PHE B 174 -9.62 -10.89 22.33
N PHE B 175 -8.40 -11.39 22.42
CA PHE B 175 -7.40 -11.02 21.43
C PHE B 175 -6.27 -12.02 21.52
N LEU B 176 -5.44 -12.07 20.46
CA LEU B 176 -4.27 -12.93 20.40
C LEU B 176 -3.03 -12.06 20.49
N THR B 177 -2.03 -12.50 21.26
CA THR B 177 -0.78 -11.73 21.31
C THR B 177 0.42 -12.65 21.22
N GLN B 178 1.53 -12.15 20.66
CA GLN B 178 2.80 -12.89 20.74
C GLN B 178 3.47 -12.81 22.11
N GLY B 179 2.80 -12.22 23.08
CA GLY B 179 3.46 -12.02 24.35
C GLY B 179 4.57 -11.01 24.24
N ALA B 180 4.34 -9.95 23.47
CA ALA B 180 5.30 -8.86 23.36
C ALA B 180 4.55 -7.54 23.49
N LEU B 181 5.25 -6.52 23.99
CA LEU B 181 4.65 -5.20 24.19
C LEU B 181 5.07 -4.23 23.10
N LEU B 182 4.21 -3.25 22.84
CA LEU B 182 4.53 -2.21 21.87
C LEU B 182 5.79 -1.49 22.29
N ASN B 183 6.60 -1.11 21.28
CA ASN B 183 7.84 -0.36 21.54
C ASN B 183 8.90 -1.18 22.29
N ASP B 184 8.87 -2.50 22.13
CA ASP B 184 9.90 -3.38 22.67
C ASP B 184 10.44 -4.27 21.56
N LYS B 185 11.71 -4.67 21.67
CA LYS B 185 12.34 -5.43 20.59
C LYS B 185 11.62 -6.74 20.30
N HIS B 186 10.93 -7.30 21.29
CA HIS B 186 10.19 -8.55 21.06
C HIS B 186 8.98 -8.38 20.17
N SER B 187 8.54 -7.13 19.89
CA SER B 187 7.44 -6.96 18.93
C SER B 187 7.88 -7.19 17.48
N ASN B 188 9.19 -7.42 17.27
CA ASN B 188 9.78 -7.75 15.98
C ASN B 188 8.97 -8.86 15.33
N GLY B 189 8.44 -8.58 14.14
CA GLY B 189 7.52 -9.43 13.43
C GLY B 189 8.17 -10.47 12.56
N THR B 190 9.49 -10.65 12.66
CA THR B 190 10.15 -11.78 11.98
C THR B 190 9.53 -13.10 12.44
N ILE B 191 9.17 -13.20 13.73
CA ILE B 191 8.50 -14.36 14.27
C ILE B 191 7.21 -14.66 13.50
N LYS B 192 6.98 -15.94 13.21
CA LYS B 192 5.81 -16.39 12.45
C LYS B 192 4.50 -16.12 13.20
N ASP B 193 3.40 -15.92 12.44
CA ASP B 193 2.10 -15.73 13.10
C ASP B 193 1.73 -16.91 13.97
N ARG B 194 1.92 -18.12 13.46
CA ARG B 194 1.55 -19.33 14.19
C ARG B 194 2.77 -19.83 14.97
N SER B 195 3.06 -19.11 16.03
CA SER B 195 4.22 -19.33 16.87
C SER B 195 3.79 -19.99 18.18
N PRO B 196 4.71 -20.71 18.86
CA PRO B 196 4.38 -21.24 20.19
C PRO B 196 4.17 -20.15 21.27
N TYR B 197 4.53 -18.89 21.04
CA TYR B 197 4.32 -17.84 22.05
C TYR B 197 2.91 -17.26 22.03
N ARG B 198 2.11 -17.53 21.01
CA ARG B 198 0.84 -16.82 20.87
C ARG B 198 -0.18 -17.29 21.88
N THR B 199 -0.89 -16.34 22.49
CA THR B 199 -1.90 -16.68 23.50
C THR B 199 -3.18 -15.91 23.27
N LEU B 200 -4.30 -16.53 23.63
CA LEU B 200 -5.59 -15.87 23.73
C LEU B 200 -5.73 -15.26 25.13
N MET B 201 -5.94 -13.94 25.18
CA MET B 201 -6.18 -13.21 26.41
C MET B 201 -7.47 -12.45 26.21
N SER B 202 -7.96 -11.81 27.27
CA SER B 202 -9.11 -10.92 27.15
C SER B 202 -9.04 -9.81 28.20
N CYS B 203 -9.66 -8.68 27.89
CA CYS B 203 -9.70 -7.59 28.86
C CYS B 203 -11.05 -6.91 28.70
N PRO B 204 -11.47 -6.07 29.65
CA PRO B 204 -12.75 -5.37 29.48
C PRO B 204 -12.78 -4.55 28.20
N VAL B 205 -13.95 -4.50 27.56
CA VAL B 205 -14.14 -3.74 26.33
C VAL B 205 -13.69 -2.28 26.49
N GLY B 206 -12.92 -1.75 25.51
CA GLY B 206 -12.54 -0.35 25.54
C GLY B 206 -11.28 -0.03 26.33
N GLU B 207 -10.71 -1.00 27.03
CA GLU B 207 -9.46 -0.81 27.73
C GLU B 207 -8.30 -1.24 26.85
N ALA B 208 -7.20 -0.50 26.94
CA ALA B 208 -6.01 -0.94 26.26
C ALA B 208 -5.57 -2.31 26.80
N PRO B 209 -5.14 -3.24 25.91
CA PRO B 209 -4.82 -4.60 26.37
C PRO B 209 -3.43 -4.67 26.98
N SER B 210 -3.40 -4.70 28.28
CA SER B 210 -2.12 -4.68 28.98
CA SER B 210 -2.14 -4.66 29.00
C SER B 210 -1.92 -5.96 29.77
N PRO B 211 -0.67 -6.33 30.05
CA PRO B 211 -0.46 -7.43 31.00
C PRO B 211 -1.05 -7.14 32.36
N TYR B 212 -1.39 -5.86 32.67
CA TYR B 212 -1.90 -5.52 34.00
C TYR B 212 -3.40 -5.56 34.10
N ASN B 213 -4.11 -5.57 32.98
CA ASN B 213 -5.57 -5.68 33.05
C ASN B 213 -6.11 -6.84 32.22
N SER B 214 -5.26 -7.70 31.65
CA SER B 214 -5.74 -8.76 30.76
C SER B 214 -5.66 -10.12 31.44
N ARG B 215 -6.70 -10.92 31.24
CA ARG B 215 -6.83 -12.24 31.80
C ARG B 215 -6.36 -13.29 30.79
N PHE B 216 -5.61 -14.29 31.26
CA PHE B 216 -5.14 -15.34 30.36
C PHE B 216 -6.28 -16.29 30.06
N GLU B 217 -6.42 -16.66 28.79
CA GLU B 217 -7.44 -17.62 28.39
C GLU B 217 -6.88 -18.95 27.89
N SER B 218 -5.94 -18.91 26.95
CA SER B 218 -5.55 -20.16 26.32
C SER B 218 -4.31 -19.90 25.50
N VAL B 219 -3.51 -20.94 25.33
CA VAL B 219 -2.45 -20.87 24.34
C VAL B 219 -3.09 -21.10 22.97
N ALA B 220 -2.86 -20.18 22.05
CA ALA B 220 -3.67 -20.16 20.84
C ALA B 220 -3.06 -19.24 19.80
N TRP B 221 -2.91 -19.73 18.56
CA TRP B 221 -2.71 -18.83 17.44
C TRP B 221 -3.94 -18.75 16.54
N SER B 222 -5.04 -19.38 16.93
CA SER B 222 -6.33 -19.21 16.29
C SER B 222 -7.33 -19.54 17.37
N ALA B 223 -8.43 -18.80 17.44
CA ALA B 223 -9.27 -18.94 18.63
C ALA B 223 -10.70 -18.57 18.34
N SER B 224 -11.55 -18.99 19.26
CA SER B 224 -12.93 -18.59 19.36
C SER B 224 -13.28 -18.52 20.82
N ALA B 225 -14.34 -17.78 21.17
CA ALA B 225 -14.79 -17.68 22.56
C ALA B 225 -16.23 -17.20 22.58
N CYS B 226 -16.99 -17.68 23.57
CA CYS B 226 -18.36 -17.22 23.72
C CYS B 226 -18.88 -17.69 25.08
N HIS B 227 -20.02 -17.16 25.49
CA HIS B 227 -20.58 -17.39 26.82
C HIS B 227 -21.99 -17.94 26.68
N ASP B 228 -22.30 -19.01 27.42
CA ASP B 228 -23.58 -19.67 27.21
C ASP B 228 -24.63 -19.20 28.20
N GLY B 229 -24.34 -18.18 28.98
CA GLY B 229 -25.19 -17.78 30.07
C GLY B 229 -24.68 -18.20 31.42
N ILE B 230 -23.82 -19.21 31.43
CA ILE B 230 -23.31 -19.81 32.66
C ILE B 230 -21.80 -19.61 32.80
N SER B 231 -21.03 -20.04 31.81
CA SER B 231 -19.58 -19.84 31.89
C SER B 231 -19.01 -19.54 30.51
N TRP B 232 -17.77 -19.02 30.51
CA TRP B 232 -17.05 -18.80 29.27
C TRP B 232 -16.57 -20.10 28.65
N LEU B 233 -16.84 -20.26 27.35
CA LEU B 233 -16.24 -21.28 26.51
C LEU B 233 -15.10 -20.66 25.71
N THR B 234 -13.91 -21.26 25.75
CA THR B 234 -12.84 -20.73 24.91
C THR B 234 -12.25 -21.89 24.12
N ILE B 235 -11.85 -21.59 22.90
CA ILE B 235 -11.23 -22.54 21.98
C ILE B 235 -9.93 -21.93 21.53
N GLY B 236 -8.82 -22.60 21.85
CA GLY B 236 -7.50 -22.07 21.50
C GLY B 236 -6.73 -23.13 20.73
N ILE B 237 -6.32 -22.85 19.49
CA ILE B 237 -5.55 -23.80 18.67
C ILE B 237 -4.07 -23.46 18.78
N SER B 238 -3.26 -24.48 19.07
CA SER B 238 -1.82 -24.33 19.07
C SER B 238 -1.22 -25.64 18.57
N GLY B 239 0.09 -25.69 18.46
CA GLY B 239 0.71 -26.87 17.89
C GLY B 239 1.23 -26.63 16.48
N PRO B 240 1.83 -27.66 15.90
CA PRO B 240 2.40 -27.52 14.55
C PRO B 240 1.33 -27.40 13.47
N ASP B 241 1.74 -26.79 12.34
CA ASP B 241 0.83 -26.68 11.20
C ASP B 241 0.23 -28.02 10.78
N ASN B 242 1.01 -29.11 10.89
CA ASN B 242 0.62 -30.41 10.37
C ASN B 242 -0.07 -31.27 11.41
N GLY B 243 -0.37 -30.74 12.59
CA GLY B 243 -1.06 -31.50 13.62
C GLY B 243 -1.58 -30.63 14.76
N ALA B 244 -2.06 -29.43 14.42
CA ALA B 244 -2.56 -28.51 15.42
C ALA B 244 -3.70 -29.12 16.23
N VAL B 245 -3.85 -28.65 17.49
CA VAL B 245 -4.88 -29.15 18.40
C VAL B 245 -5.63 -27.96 19.02
N ALA B 246 -6.95 -27.95 18.86
CA ALA B 246 -7.79 -27.00 19.57
C ALA B 246 -8.04 -27.51 20.98
N VAL B 247 -7.68 -26.69 21.97
CA VAL B 247 -7.94 -26.96 23.38
C VAL B 247 -9.20 -26.20 23.77
N VAL B 248 -10.20 -26.91 24.27
CA VAL B 248 -11.52 -26.36 24.59
C VAL B 248 -11.62 -26.25 26.10
N LYS B 249 -11.97 -25.06 26.59
CA LYS B 249 -12.11 -24.80 28.01
C LYS B 249 -13.49 -24.27 28.29
N TYR B 250 -14.06 -24.73 29.39
CA TYR B 250 -15.32 -24.23 29.92
C TYR B 250 -15.05 -23.80 31.35
N ASN B 251 -15.35 -22.55 31.65
CA ASN B 251 -15.05 -21.96 32.95
C ASN B 251 -13.57 -22.11 33.28
N GLY B 252 -12.72 -21.95 32.27
CA GLY B 252 -11.29 -21.96 32.42
C GLY B 252 -10.66 -23.34 32.59
N ILE B 253 -11.43 -24.42 32.60
CA ILE B 253 -10.94 -25.78 32.79
C ILE B 253 -11.00 -26.52 31.45
N ILE B 254 -9.91 -27.22 31.09
CA ILE B 254 -9.90 -27.97 29.85
C ILE B 254 -10.97 -29.04 29.89
N THR B 255 -11.83 -29.03 28.88
CA THR B 255 -12.93 -29.97 28.80
C THR B 255 -12.88 -30.83 27.55
N ASP B 256 -12.14 -30.44 26.51
CA ASP B 256 -12.08 -31.23 25.29
C ASP B 256 -10.91 -30.78 24.45
N THR B 257 -10.56 -31.61 23.45
CA THR B 257 -9.60 -31.25 22.42
C THR B 257 -10.15 -31.68 21.07
N ILE B 258 -9.72 -31.00 20.01
CA ILE B 258 -10.09 -31.32 18.64
C ILE B 258 -8.80 -31.28 17.84
N LYS B 259 -8.43 -32.39 17.23
CA LYS B 259 -7.18 -32.38 16.49
C LYS B 259 -7.42 -32.17 15.00
N SER B 260 -6.43 -31.55 14.38
CA SER B 260 -6.40 -31.34 12.96
C SER B 260 -6.72 -32.65 12.27
N TRP B 261 -7.72 -32.65 11.40
CA TRP B 261 -8.11 -33.87 10.72
C TRP B 261 -7.61 -33.93 9.28
N ARG B 262 -6.95 -32.89 8.79
CA ARG B 262 -6.36 -32.87 7.46
C ARG B 262 -4.89 -32.53 7.52
N ASN B 263 -4.37 -32.22 8.72
CA ASN B 263 -2.96 -31.93 8.90
C ASN B 263 -2.50 -30.75 8.07
N ASN B 264 -3.37 -29.71 7.91
CA ASN B 264 -2.98 -28.52 7.16
C ASN B 264 -3.61 -27.28 7.81
N ILE B 265 -3.09 -26.92 8.99
CA ILE B 265 -3.38 -25.69 9.73
C ILE B 265 -4.85 -25.62 10.10
N LEU B 266 -5.30 -26.50 11.00
CA LEU B 266 -6.61 -26.32 11.63
C LEU B 266 -6.74 -24.88 12.15
N ARG B 267 -7.90 -24.26 11.91
CA ARG B 267 -8.05 -22.83 12.23
C ARG B 267 -9.53 -22.51 12.38
N THR B 268 -9.85 -21.48 13.16
CA THR B 268 -11.25 -21.23 13.45
C THR B 268 -11.61 -19.72 13.31
N GLN B 269 -12.63 -19.25 14.05
CA GLN B 269 -13.37 -18.04 13.66
C GLN B 269 -12.55 -16.75 13.76
N GLU B 270 -11.74 -16.61 14.80
CA GLU B 270 -11.17 -15.32 15.25
C GLU B 270 -12.25 -14.31 15.60
N SER B 271 -13.41 -14.80 16.06
CA SER B 271 -14.46 -14.00 16.64
C SER B 271 -15.34 -14.94 17.44
N GLU B 272 -16.38 -14.39 18.08
CA GLU B 272 -17.11 -15.18 19.06
C GLU B 272 -17.88 -16.32 18.40
N CYS B 273 -17.95 -17.47 19.10
CA CYS B 273 -18.89 -18.54 18.76
C CYS B 273 -20.29 -18.13 19.17
N ALA B 274 -21.29 -18.96 18.84
CA ALA B 274 -22.69 -18.57 19.03
C ALA B 274 -23.34 -19.59 19.92
N CYS B 275 -24.10 -19.13 20.92
CA CYS B 275 -24.75 -20.03 21.89
C CYS B 275 -26.27 -19.92 21.80
N VAL B 276 -26.93 -21.08 21.86
CA VAL B 276 -28.39 -21.19 21.83
C VAL B 276 -28.77 -22.29 22.83
N ASN B 277 -29.45 -21.91 23.91
CA ASN B 277 -30.07 -22.86 24.82
C ASN B 277 -29.06 -23.86 25.39
N GLY B 278 -27.86 -23.40 25.69
CA GLY B 278 -26.88 -24.28 26.31
C GLY B 278 -25.95 -25.01 25.36
N SER B 279 -26.15 -24.86 24.06
CA SER B 279 -25.20 -25.37 23.08
C SER B 279 -24.53 -24.21 22.38
N CYS B 280 -23.23 -24.32 22.23
CA CYS B 280 -22.43 -23.31 21.55
C CYS B 280 -21.85 -23.95 20.29
N PHE B 281 -21.72 -23.12 19.26
CA PHE B 281 -21.48 -23.62 17.91
C PHE B 281 -20.32 -22.84 17.32
N THR B 282 -19.47 -23.54 16.59
CA THR B 282 -18.39 -22.86 15.90
C THR B 282 -18.10 -23.59 14.59
N VAL B 283 -17.25 -22.97 13.77
CA VAL B 283 -16.83 -23.52 12.49
C VAL B 283 -15.32 -23.52 12.47
N MET B 284 -14.74 -24.62 11.98
CA MET B 284 -13.30 -24.71 11.80
C MET B 284 -12.97 -25.18 10.39
N THR B 285 -11.77 -24.82 9.93
CA THR B 285 -11.29 -25.20 8.62
C THR B 285 -9.95 -25.91 8.75
N ASP B 286 -9.72 -26.91 7.91
CA ASP B 286 -8.43 -27.58 7.82
C ASP B 286 -8.20 -27.86 6.34
N GLY B 287 -7.06 -27.42 5.83
CA GLY B 287 -6.77 -27.53 4.42
C GLY B 287 -6.24 -26.25 3.81
N PRO B 288 -6.07 -26.27 2.48
CA PRO B 288 -5.50 -25.12 1.78
C PRO B 288 -6.27 -23.84 2.06
N SER B 289 -5.54 -22.74 1.99
CA SER B 289 -6.18 -21.44 2.00
C SER B 289 -6.32 -20.88 0.58
N ASN B 290 -5.82 -21.61 -0.40
CA ASN B 290 -5.88 -21.17 -1.78
C ASN B 290 -6.49 -22.26 -2.63
N GLY B 291 -7.40 -23.04 -2.06
CA GLY B 291 -7.99 -24.15 -2.79
C GLY B 291 -9.06 -24.78 -1.94
N GLN B 292 -9.72 -25.80 -2.50
CA GLN B 292 -10.71 -26.54 -1.76
C GLN B 292 -10.13 -26.99 -0.42
N ALA B 293 -10.90 -26.76 0.65
CA ALA B 293 -10.47 -27.20 1.98
C ALA B 293 -11.64 -27.92 2.64
N SER B 294 -11.53 -28.19 3.92
CA SER B 294 -12.53 -28.93 4.66
C SER B 294 -13.08 -28.01 5.74
N TYR B 295 -14.39 -28.02 5.95
CA TYR B 295 -15.06 -27.11 6.87
C TYR B 295 -15.97 -27.95 7.74
N LYS B 296 -15.83 -27.81 9.06
CA LYS B 296 -16.66 -28.57 9.99
C LYS B 296 -17.39 -27.64 10.93
N ILE B 297 -18.63 -27.99 11.24
CA ILE B 297 -19.43 -27.31 12.27
C ILE B 297 -19.38 -28.14 13.53
N PHE B 298 -19.16 -27.47 14.67
CA PHE B 298 -19.11 -28.13 15.97
C PHE B 298 -20.23 -27.66 16.88
N LYS B 299 -20.85 -28.61 17.56
CA LYS B 299 -21.79 -28.32 18.63
C LYS B 299 -21.11 -28.71 19.94
N ILE B 300 -21.06 -27.78 20.91
CA ILE B 300 -20.29 -27.96 22.15
C ILE B 300 -21.17 -27.64 23.34
N GLU B 301 -21.26 -28.57 24.29
CA GLU B 301 -22.07 -28.35 25.49
C GLU B 301 -21.19 -28.51 26.73
N LYS B 302 -21.18 -27.46 27.55
CA LYS B 302 -20.34 -27.41 28.74
C LYS B 302 -18.89 -27.72 28.39
N GLY B 303 -18.45 -27.23 27.24
CA GLY B 303 -17.10 -27.48 26.77
C GLY B 303 -16.86 -28.84 26.13
N LYS B 304 -17.85 -29.73 26.05
CA LYS B 304 -17.70 -31.01 25.37
C LYS B 304 -18.28 -30.97 23.96
N VAL B 305 -17.49 -31.38 22.96
CA VAL B 305 -18.02 -31.56 21.60
C VAL B 305 -19.03 -32.69 21.64
N VAL B 306 -20.32 -32.39 21.42
CA VAL B 306 -21.37 -33.40 21.40
C VAL B 306 -21.76 -33.81 19.97
N LYS B 307 -21.43 -33.02 18.95
CA LYS B 307 -21.72 -33.35 17.57
C LYS B 307 -20.84 -32.49 16.69
N SER B 308 -20.46 -33.04 15.55
CA SER B 308 -19.81 -32.29 14.50
C SER B 308 -20.32 -32.81 13.16
N VAL B 309 -20.22 -31.97 12.13
CA VAL B 309 -20.59 -32.33 10.77
C VAL B 309 -19.58 -31.70 9.83
N GLU B 310 -19.07 -32.49 8.88
CA GLU B 310 -18.28 -31.91 7.81
C GLU B 310 -19.22 -31.39 6.70
N MET B 311 -19.05 -30.12 6.34
CA MET B 311 -19.86 -29.51 5.30
C MET B 311 -19.49 -30.05 3.93
N ASN B 312 -20.49 -30.43 3.17
CA ASN B 312 -20.28 -30.85 1.78
C ASN B 312 -20.44 -29.60 0.93
N ALA B 313 -19.34 -28.92 0.66
CA ALA B 313 -19.38 -27.58 0.10
C ALA B 313 -18.44 -27.47 -1.08
N PRO B 314 -18.63 -28.28 -2.14
CA PRO B 314 -17.68 -28.22 -3.26
C PRO B 314 -17.70 -26.85 -3.91
N ASN B 315 -16.50 -26.32 -4.20
CA ASN B 315 -16.24 -25.04 -4.84
C ASN B 315 -16.47 -23.85 -3.90
N TYR B 316 -16.86 -24.08 -2.64
CA TYR B 316 -16.94 -23.05 -1.60
C TYR B 316 -15.63 -23.03 -0.79
N HIS B 317 -15.34 -21.88 -0.18
CA HIS B 317 -14.18 -21.79 0.72
C HIS B 317 -14.58 -21.01 1.97
N TYR B 318 -14.36 -21.60 3.15
CA TYR B 318 -14.80 -21.02 4.43
C TYR B 318 -13.59 -20.79 5.33
N GLU B 319 -13.43 -19.56 5.78
CA GLU B 319 -12.41 -19.21 6.76
C GLU B 319 -12.90 -18.08 7.64
N GLU B 320 -12.47 -18.09 8.90
CA GLU B 320 -12.68 -16.95 9.81
C GLU B 320 -14.16 -16.54 9.86
N CYS B 321 -15.00 -17.50 10.21
CA CYS B 321 -16.44 -17.26 10.18
C CYS B 321 -16.89 -16.31 11.29
N SER B 322 -17.76 -15.37 10.95
CA SER B 322 -18.48 -14.57 11.96
C SER B 322 -19.90 -15.12 12.09
N CYS B 323 -20.19 -15.74 13.24
CA CYS B 323 -21.42 -16.50 13.46
C CYS B 323 -22.25 -15.89 14.57
N TYR B 324 -23.55 -15.80 14.37
CA TYR B 324 -24.41 -15.25 15.42
C TYR B 324 -25.69 -16.08 15.49
N PRO B 325 -26.38 -16.03 16.63
CA PRO B 325 -27.70 -16.67 16.70
C PRO B 325 -28.80 -15.74 16.18
N ASP B 326 -29.80 -16.35 15.53
CA ASP B 326 -30.96 -15.62 15.02
C ASP B 326 -32.11 -16.60 15.00
N ALA B 327 -33.05 -16.39 15.92
CA ALA B 327 -34.30 -17.14 15.93
C ALA B 327 -34.04 -18.63 16.15
N GLY B 328 -33.09 -18.95 17.05
CA GLY B 328 -32.80 -20.30 17.43
C GLY B 328 -31.91 -21.08 16.48
N ASP B 329 -31.52 -20.49 15.36
CA ASP B 329 -30.55 -21.06 14.44
C ASP B 329 -29.30 -20.22 14.49
N ILE B 330 -28.29 -20.62 13.71
CA ILE B 330 -27.01 -19.94 13.67
C ILE B 330 -26.74 -19.54 12.23
N MET B 331 -26.27 -18.31 12.06
CA MET B 331 -25.85 -17.81 10.76
C MET B 331 -24.39 -17.42 10.87
N CYS B 332 -23.60 -17.84 9.91
CA CYS B 332 -22.19 -17.51 9.84
C CYS B 332 -21.91 -16.93 8.48
N VAL B 333 -21.14 -15.85 8.48
CA VAL B 333 -20.69 -15.16 7.27
C VAL B 333 -19.18 -15.16 7.33
N CYS B 334 -18.54 -15.62 6.27
CA CYS B 334 -17.16 -16.03 6.41
C CYS B 334 -16.33 -15.39 5.32
N ARG B 335 -15.11 -15.89 5.15
CA ARG B 335 -14.11 -15.38 4.23
C ARG B 335 -13.79 -16.47 3.23
N ASP B 336 -13.93 -16.16 1.94
CA ASP B 336 -13.51 -17.06 0.86
C ASP B 336 -12.13 -16.58 0.42
N ASN B 337 -11.12 -17.33 0.77
CA ASN B 337 -9.76 -16.91 0.46
C ASN B 337 -9.26 -17.47 -0.86
N TRP B 338 -10.01 -18.40 -1.44
CA TRP B 338 -9.64 -19.11 -2.66
C TRP B 338 -10.04 -18.33 -3.90
N HIS B 339 -11.33 -18.05 -4.05
CA HIS B 339 -11.80 -17.48 -5.32
C HIS B 339 -13.16 -16.78 -5.20
N GLY B 340 -13.38 -16.04 -4.10
CA GLY B 340 -14.63 -15.31 -3.87
C GLY B 340 -14.43 -13.90 -3.33
N SER B 341 -14.89 -12.87 -4.07
CA SER B 341 -14.88 -11.49 -3.58
C SER B 341 -16.19 -11.11 -2.87
N ASN B 342 -17.21 -11.96 -2.94
CA ASN B 342 -18.37 -11.88 -2.06
C ASN B 342 -18.17 -12.89 -0.93
N ARG B 343 -19.05 -12.82 0.10
CA ARG B 343 -18.76 -13.70 1.25
C ARG B 343 -19.61 -14.96 1.24
N PRO B 344 -19.00 -16.10 1.62
CA PRO B 344 -19.76 -17.32 1.81
C PRO B 344 -20.53 -17.26 3.11
N TRP B 345 -21.66 -17.97 3.15
CA TRP B 345 -22.36 -18.16 4.42
C TRP B 345 -22.75 -19.64 4.59
N VAL B 346 -22.96 -19.99 5.86
CA VAL B 346 -23.48 -21.30 6.27
C VAL B 346 -24.41 -21.02 7.44
N SER B 347 -25.62 -21.60 7.39
CA SER B 347 -26.60 -21.49 8.44
C SER B 347 -27.00 -22.88 8.87
N PHE B 348 -27.35 -23.05 10.15
CA PHE B 348 -27.70 -24.37 10.64
C PHE B 348 -28.56 -24.26 11.88
N ASN B 349 -29.29 -25.35 12.15
CA ASN B 349 -30.05 -25.46 13.37
C ASN B 349 -29.24 -26.21 14.44
N GLN B 350 -29.86 -26.42 15.59
CA GLN B 350 -29.18 -27.07 16.70
C GLN B 350 -28.81 -28.51 16.41
N ASN B 351 -29.36 -29.13 15.37
CA ASN B 351 -28.98 -30.48 14.99
C ASN B 351 -27.92 -30.48 13.91
N LEU B 352 -27.38 -29.32 13.58
CA LEU B 352 -26.32 -29.17 12.59
C LEU B 352 -26.77 -29.56 11.19
N GLU B 353 -28.07 -29.50 10.92
CA GLU B 353 -28.55 -29.51 9.54
C GLU B 353 -28.28 -28.13 8.96
N TYR B 354 -27.56 -28.07 7.84
CA TYR B 354 -27.01 -26.81 7.39
C TYR B 354 -27.43 -26.48 5.95
N GLN B 355 -27.35 -25.20 5.63
CA GLN B 355 -27.48 -24.71 4.27
C GLN B 355 -26.30 -23.81 4.00
N ILE B 356 -25.97 -23.66 2.73
CA ILE B 356 -24.81 -22.88 2.33
C ILE B 356 -25.18 -21.98 1.16
N GLY B 357 -24.36 -20.95 0.95
CA GLY B 357 -24.52 -20.07 -0.17
C GLY B 357 -23.47 -19.00 -0.12
N TYR B 358 -23.60 -18.03 -1.03
CA TYR B 358 -22.84 -16.80 -1.01
C TYR B 358 -23.80 -15.62 -0.98
N ILE B 359 -23.34 -14.51 -0.41
CA ILE B 359 -24.17 -13.30 -0.41
C ILE B 359 -24.30 -12.81 -1.85
N CYS B 360 -25.53 -12.67 -2.33
CA CYS B 360 -25.75 -12.40 -3.76
C CYS B 360 -25.50 -10.95 -4.14
N SER B 361 -25.61 -10.01 -3.18
CA SER B 361 -25.55 -8.59 -3.49
C SER B 361 -24.34 -8.26 -4.36
N GLY B 362 -24.55 -7.36 -5.31
CA GLY B 362 -23.41 -6.80 -6.03
C GLY B 362 -22.59 -5.80 -5.23
N ILE B 363 -22.97 -5.56 -3.96
CA ILE B 363 -22.17 -4.77 -3.03
C ILE B 363 -21.19 -5.77 -2.39
N PHE B 364 -20.05 -5.99 -3.04
CA PHE B 364 -19.15 -7.07 -2.62
C PHE B 364 -18.52 -6.76 -1.27
N GLY B 365 -18.44 -7.80 -0.42
CA GLY B 365 -18.08 -7.64 0.97
C GLY B 365 -16.65 -7.93 1.36
N ASP B 366 -15.86 -8.60 0.51
CA ASP B 366 -14.51 -9.00 0.87
C ASP B 366 -13.53 -7.90 0.49
N ASN B 367 -12.29 -8.10 0.83
CA ASN B 367 -11.20 -7.24 0.44
C ASN B 367 -9.97 -8.10 0.19
N PRO B 368 -9.36 -8.08 -1.01
CA PRO B 368 -9.72 -7.32 -2.22
C PRO B 368 -11.03 -7.74 -2.87
N ARG B 369 -11.44 -6.96 -3.86
CA ARG B 369 -12.72 -7.09 -4.51
C ARG B 369 -12.73 -6.15 -5.72
N PRO B 370 -13.65 -6.36 -6.66
CA PRO B 370 -13.86 -5.36 -7.71
C PRO B 370 -14.77 -4.25 -7.22
N ASN B 371 -14.87 -3.21 -8.04
CA ASN B 371 -15.93 -2.23 -7.80
C ASN B 371 -17.28 -2.91 -7.91
N ASP B 372 -18.26 -2.38 -7.19
CA ASP B 372 -19.60 -2.95 -7.22
C ASP B 372 -20.16 -3.01 -8.65
N LYS B 373 -20.82 -4.11 -8.95
CA LYS B 373 -21.42 -4.42 -10.25
C LYS B 373 -22.31 -5.63 -9.99
N THR B 374 -22.89 -6.20 -11.02
CA THR B 374 -23.76 -7.35 -10.82
C THR B 374 -22.98 -8.48 -10.14
N GLY B 375 -23.58 -9.03 -9.09
CA GLY B 375 -22.95 -10.00 -8.23
C GLY B 375 -23.42 -11.39 -8.59
N SER B 376 -23.24 -12.32 -7.65
CA SER B 376 -23.57 -13.71 -7.93
C SER B 376 -23.92 -14.42 -6.65
N CYS B 377 -24.73 -15.48 -6.76
CA CYS B 377 -25.05 -16.28 -5.57
C CYS B 377 -24.05 -17.43 -5.34
N GLY B 378 -22.99 -17.48 -6.13
CA GLY B 378 -21.88 -18.33 -5.85
C GLY B 378 -20.67 -17.45 -5.79
N PRO B 379 -19.48 -18.04 -5.76
CA PRO B 379 -18.28 -17.21 -5.53
C PRO B 379 -17.99 -16.31 -6.74
N VAL B 380 -17.77 -15.03 -6.47
CA VAL B 380 -17.39 -14.07 -7.50
C VAL B 380 -15.88 -14.12 -7.65
N SER B 381 -15.41 -14.64 -8.80
CA SER B 381 -13.98 -14.93 -8.96
C SER B 381 -13.14 -13.69 -9.21
N SER B 382 -13.71 -12.60 -9.75
CA SER B 382 -12.93 -11.40 -9.97
C SER B 382 -12.33 -10.92 -8.66
N ASN B 383 -11.01 -10.73 -8.60
CA ASN B 383 -10.35 -10.30 -7.35
C ASN B 383 -10.66 -11.23 -6.19
N GLY B 384 -10.99 -12.50 -6.49
CA GLY B 384 -11.50 -13.40 -5.47
C GLY B 384 -10.45 -14.00 -4.55
N ALA B 385 -9.19 -14.00 -4.96
CA ALA B 385 -8.15 -14.60 -4.15
C ALA B 385 -7.80 -13.69 -2.98
N ASN B 386 -7.29 -14.31 -1.90
CA ASN B 386 -7.02 -13.62 -0.65
C ASN B 386 -8.30 -13.04 -0.08
N GLY B 387 -8.19 -12.20 0.94
CA GLY B 387 -9.39 -11.76 1.61
C GLY B 387 -9.09 -11.12 2.97
N VAL B 388 -10.16 -10.92 3.72
CA VAL B 388 -10.09 -10.37 5.07
C VAL B 388 -11.28 -10.93 5.82
N LYS B 389 -11.07 -11.23 7.11
CA LYS B 389 -12.20 -11.60 7.96
C LYS B 389 -13.24 -10.48 7.99
N GLY B 390 -14.52 -10.86 7.86
CA GLY B 390 -15.60 -9.90 7.92
C GLY B 390 -16.89 -10.50 8.43
N PHE B 391 -18.00 -9.78 8.25
CA PHE B 391 -19.28 -10.18 8.80
C PHE B 391 -20.39 -9.56 7.96
N SER B 392 -21.61 -10.02 8.18
CA SER B 392 -22.80 -9.36 7.65
C SER B 392 -23.98 -9.87 8.47
N PHE B 393 -25.07 -9.11 8.47
CA PHE B 393 -26.29 -9.51 9.16
C PHE B 393 -27.45 -9.64 8.18
N LYS B 394 -28.12 -10.79 8.20
CA LYS B 394 -29.24 -11.05 7.30
C LYS B 394 -30.56 -10.59 7.92
N TYR B 395 -31.31 -9.78 7.17
CA TYR B 395 -32.66 -9.34 7.57
C TYR B 395 -33.63 -9.65 6.41
N GLY B 396 -34.35 -10.77 6.49
CA GLY B 396 -35.21 -11.19 5.40
C GLY B 396 -34.34 -11.46 4.20
N ASN B 397 -34.66 -10.81 3.08
CA ASN B 397 -33.82 -10.86 1.89
C ASN B 397 -32.79 -9.76 1.88
N GLY B 398 -32.82 -8.84 2.87
CA GLY B 398 -31.85 -7.76 2.91
C GLY B 398 -30.65 -8.15 3.74
N VAL B 399 -29.62 -7.32 3.67
CA VAL B 399 -28.39 -7.63 4.39
C VAL B 399 -27.74 -6.33 4.80
N TRP B 400 -27.21 -6.30 6.03
CA TRP B 400 -26.29 -5.25 6.46
C TRP B 400 -24.86 -5.76 6.23
N ILE B 401 -24.12 -5.05 5.36
CA ILE B 401 -22.75 -5.43 4.97
C ILE B 401 -21.77 -4.48 5.62
N GLY B 402 -20.80 -4.99 6.38
CA GLY B 402 -19.68 -4.19 6.81
C GLY B 402 -18.51 -4.53 5.92
N ARG B 403 -17.82 -3.50 5.42
CA ARG B 403 -16.71 -3.78 4.52
C ARG B 403 -15.73 -2.63 4.56
N THR B 404 -14.52 -2.87 4.08
CA THR B 404 -13.58 -1.78 3.87
C THR B 404 -14.14 -0.82 2.80
N LYS B 405 -13.60 0.40 2.78
CA LYS B 405 -13.93 1.35 1.72
C LYS B 405 -13.02 1.17 0.52
N SER B 406 -11.78 0.75 0.72
CA SER B 406 -10.87 0.48 -0.38
C SER B 406 -11.18 -0.88 -1.00
N ILE B 407 -11.11 -0.95 -2.33
CA ILE B 407 -11.30 -2.25 -2.96
C ILE B 407 -10.03 -3.08 -2.96
N SER B 408 -8.89 -2.49 -2.69
CA SER B 408 -7.64 -3.21 -2.86
C SER B 408 -6.86 -3.40 -1.57
N SER B 409 -7.06 -2.57 -0.55
CA SER B 409 -6.30 -2.73 0.68
C SER B 409 -7.19 -2.51 1.90
N ARG B 410 -6.63 -2.79 3.06
CA ARG B 410 -7.44 -2.80 4.27
C ARG B 410 -7.50 -1.38 4.81
N ASN B 411 -8.31 -0.56 4.13
CA ASN B 411 -8.51 0.85 4.46
C ASN B 411 -9.99 1.20 4.47
N GLY B 412 -10.38 2.01 5.46
CA GLY B 412 -11.74 2.48 5.57
C GLY B 412 -12.65 1.40 6.07
N PHE B 413 -13.84 1.81 6.46
CA PHE B 413 -14.88 0.88 6.82
C PHE B 413 -16.23 1.58 6.71
N GLU B 414 -17.24 0.84 6.25
CA GLU B 414 -18.59 1.36 6.08
C GLU B 414 -19.60 0.23 6.32
N MET B 415 -20.79 0.61 6.79
CA MET B 415 -21.93 -0.29 6.89
C MET B 415 -22.93 0.03 5.77
N ILE B 416 -23.39 -0.98 5.06
CA ILE B 416 -24.28 -0.78 3.92
C ILE B 416 -25.52 -1.62 4.11
N TRP B 417 -26.68 -0.96 4.06
CA TRP B 417 -27.93 -1.67 4.13
C TRP B 417 -28.40 -1.91 2.68
N ASP B 418 -28.44 -3.18 2.28
CA ASP B 418 -28.89 -3.54 0.94
C ASP B 418 -30.19 -4.31 1.10
N PRO B 419 -31.35 -3.69 0.89
CA PRO B 419 -32.62 -4.31 1.32
C PRO B 419 -33.01 -5.57 0.56
N ASN B 420 -32.35 -5.91 -0.55
CA ASN B 420 -32.59 -7.20 -1.21
C ASN B 420 -31.29 -7.96 -1.43
N GLY B 421 -30.23 -7.57 -0.71
CA GLY B 421 -28.87 -8.00 -1.04
C GLY B 421 -28.50 -9.40 -0.62
N TRP B 422 -29.26 -10.03 0.28
CA TRP B 422 -28.96 -11.41 0.59
C TRP B 422 -29.19 -12.30 -0.61
N THR B 423 -30.27 -12.05 -1.35
CA THR B 423 -30.71 -12.94 -2.43
C THR B 423 -30.67 -12.35 -3.84
N GLU B 424 -30.47 -11.05 -4.02
CA GLU B 424 -30.48 -10.43 -5.35
C GLU B 424 -29.08 -9.92 -5.69
N THR B 425 -28.76 -9.86 -6.97
CA THR B 425 -27.41 -9.63 -7.43
C THR B 425 -27.15 -8.21 -7.91
N ASP B 426 -28.15 -7.35 -7.90
CA ASP B 426 -27.87 -5.98 -8.28
C ASP B 426 -26.99 -5.31 -7.22
N SER B 427 -26.41 -4.16 -7.59
CA SER B 427 -25.54 -3.38 -6.72
C SER B 427 -26.21 -2.07 -6.27
N SER B 428 -27.52 -2.06 -6.10
CA SER B 428 -28.21 -0.91 -5.53
C SER B 428 -28.46 -1.18 -4.05
N PHE B 429 -28.17 -0.18 -3.24
CA PHE B 429 -28.36 -0.22 -1.81
C PHE B 429 -29.07 1.07 -1.40
N SER B 430 -29.55 1.13 -0.16
CA SER B 430 -30.28 2.31 0.24
C SER B 430 -29.66 3.13 1.37
N VAL B 431 -28.78 2.57 2.21
CA VAL B 431 -28.19 3.34 3.31
C VAL B 431 -26.72 2.97 3.43
N LYS B 432 -25.85 3.98 3.52
CA LYS B 432 -24.44 3.81 3.83
C LYS B 432 -24.13 4.61 5.09
N GLN B 433 -23.42 4.00 6.04
CA GLN B 433 -22.95 4.69 7.24
C GLN B 433 -21.44 4.56 7.34
N ASP B 434 -20.74 5.70 7.24
CA ASP B 434 -19.28 5.76 7.34
C ASP B 434 -18.82 5.38 8.75
N ILE B 435 -17.73 4.60 8.82
CA ILE B 435 -17.16 4.15 10.08
C ILE B 435 -15.71 4.58 10.22
N VAL B 436 -14.90 4.33 9.18
CA VAL B 436 -13.50 4.72 9.09
C VAL B 436 -13.28 5.25 7.67
N GLY B 437 -12.65 6.42 7.55
CA GLY B 437 -12.45 7.04 6.25
C GLY B 437 -11.50 6.24 5.36
N ILE B 438 -11.62 6.43 4.04
CA ILE B 438 -10.87 5.61 3.08
C ILE B 438 -9.36 5.75 3.27
N ASN B 439 -8.91 6.88 3.79
CA ASN B 439 -7.48 7.08 3.94
C ASN B 439 -6.93 6.51 5.25
N GLU B 440 -7.76 5.82 6.04
CA GLU B 440 -7.39 5.33 7.35
C GLU B 440 -7.37 3.79 7.39
N TRP B 441 -6.47 3.27 8.22
CA TRP B 441 -6.23 1.84 8.32
C TRP B 441 -7.41 1.12 8.93
N SER B 442 -7.83 0.00 8.32
CA SER B 442 -8.77 -0.85 9.04
C SER B 442 -8.17 -2.25 9.03
N GLY B 443 -8.99 -3.28 8.85
CA GLY B 443 -8.48 -4.64 9.09
C GLY B 443 -9.65 -5.59 9.31
N TYR B 444 -9.42 -6.59 10.15
CA TYR B 444 -10.44 -7.59 10.41
C TYR B 444 -11.67 -6.94 11.02
N SER B 445 -12.82 -7.60 10.89
CA SER B 445 -14.01 -7.14 11.58
C SER B 445 -14.86 -8.35 11.83
N GLY B 446 -15.77 -8.24 12.79
CA GLY B 446 -16.61 -9.38 13.08
C GLY B 446 -17.85 -8.95 13.81
N SER B 447 -18.82 -9.87 13.83
CA SER B 447 -20.07 -9.69 14.54
C SER B 447 -19.93 -10.08 16.01
N PHE B 448 -20.76 -9.45 16.85
CA PHE B 448 -21.07 -9.99 18.16
C PHE B 448 -22.47 -9.55 18.54
N VAL B 449 -23.12 -10.32 19.41
CA VAL B 449 -24.49 -10.00 19.79
C VAL B 449 -24.55 -9.64 21.27
N GLN B 450 -25.62 -8.95 21.65
CA GLN B 450 -25.95 -8.85 23.05
C GLN B 450 -27.33 -9.47 23.17
N HIS B 451 -27.43 -10.48 24.04
CA HIS B 451 -28.65 -11.25 24.21
C HIS B 451 -29.66 -10.52 25.08
N PRO B 452 -30.94 -10.89 24.96
CA PRO B 452 -31.96 -10.30 25.83
C PRO B 452 -31.67 -10.43 27.31
N GLU B 453 -31.04 -11.54 27.73
CA GLU B 453 -30.72 -11.74 29.14
C GLU B 453 -29.82 -10.64 29.68
N MET B 454 -29.09 -9.98 28.81
CA MET B 454 -28.23 -8.88 29.20
C MET B 454 -28.89 -7.52 28.96
N THR B 455 -29.60 -7.35 27.86
CA THR B 455 -30.14 -6.05 27.50
C THR B 455 -31.52 -5.80 28.08
N GLY B 456 -32.27 -6.84 28.43
CA GLY B 456 -33.69 -6.65 28.69
C GLY B 456 -34.57 -6.45 27.45
N LEU B 457 -34.00 -6.37 26.24
CA LEU B 457 -34.81 -6.22 25.05
C LEU B 457 -35.52 -7.54 24.70
N ASP B 458 -36.46 -7.49 23.77
CA ASP B 458 -37.16 -8.71 23.39
C ASP B 458 -36.58 -9.32 22.12
N CYS B 459 -35.37 -8.92 21.73
CA CYS B 459 -34.79 -9.32 20.47
C CYS B 459 -33.27 -9.41 20.63
N MET B 460 -32.64 -10.03 19.64
CA MET B 460 -31.19 -10.21 19.63
C MET B 460 -30.52 -8.96 19.10
N ARG B 461 -29.65 -8.32 19.93
CA ARG B 461 -29.04 -7.09 19.41
C ARG B 461 -27.78 -7.40 18.62
N PRO B 462 -27.64 -6.93 17.37
CA PRO B 462 -26.40 -7.13 16.62
C PRO B 462 -25.41 -6.01 16.82
N CYS B 463 -24.14 -6.36 16.92
CA CYS B 463 -23.06 -5.41 17.10
C CYS B 463 -21.89 -5.88 16.23
N PHE B 464 -20.89 -5.02 16.09
CA PHE B 464 -19.71 -5.47 15.36
C PHE B 464 -18.50 -4.71 15.88
N TRP B 465 -17.33 -5.32 15.65
CA TRP B 465 -16.07 -4.70 16.01
C TRP B 465 -15.25 -4.57 14.75
N VAL B 466 -14.33 -3.64 14.76
CA VAL B 466 -13.39 -3.46 13.67
C VAL B 466 -11.99 -3.39 14.24
N GLU B 467 -11.05 -4.05 13.58
CA GLU B 467 -9.66 -4.04 13.96
C GLU B 467 -8.95 -3.05 13.07
N LEU B 468 -8.18 -2.14 13.66
CA LEU B 468 -7.51 -1.09 12.92
C LEU B 468 -6.03 -1.44 12.94
N ILE B 469 -5.55 -1.98 11.82
CA ILE B 469 -4.24 -2.59 11.78
C ILE B 469 -3.21 -1.52 11.46
N ARG B 470 -2.15 -1.48 12.26
CA ARG B 470 -1.03 -0.57 12.06
C ARG B 470 0.27 -1.36 11.95
N GLY B 471 1.21 -0.80 11.21
CA GLY B 471 2.53 -1.39 11.12
C GLY B 471 2.74 -2.13 9.80
N ARG B 472 3.43 -3.25 9.86
CA ARG B 472 3.72 -4.04 8.68
C ARG B 472 2.45 -4.67 8.11
N PRO B 473 2.38 -4.89 6.78
CA PRO B 473 3.37 -4.55 5.75
C PRO B 473 3.22 -3.12 5.25
N LYS B 474 2.17 -2.36 5.62
CA LYS B 474 1.94 -1.06 5.01
C LYS B 474 2.82 0.08 5.56
N GLU B 475 3.38 -0.05 6.77
CA GLU B 475 4.13 1.07 7.34
C GLU B 475 5.53 0.63 7.79
N ASN B 476 6.39 1.62 8.07
CA ASN B 476 7.82 1.43 8.31
C ASN B 476 8.13 1.11 9.79
N THR B 477 7.58 -0.02 10.23
CA THR B 477 7.75 -0.50 11.59
C THR B 477 8.34 -1.90 11.54
N ILE B 478 8.80 -2.41 12.70
CA ILE B 478 9.21 -3.81 12.82
C ILE B 478 8.05 -4.69 13.22
N TRP B 479 6.89 -4.10 13.54
CA TRP B 479 5.81 -4.76 14.21
C TRP B 479 4.50 -4.54 13.48
N THR B 480 3.49 -5.33 13.87
CA THR B 480 2.10 -5.14 13.42
C THR B 480 1.20 -5.30 14.63
N SER B 481 0.25 -4.40 14.80
CA SER B 481 -0.76 -4.56 15.85
C SER B 481 -2.05 -3.96 15.35
N GLY B 482 -3.14 -4.23 16.08
CA GLY B 482 -4.42 -3.57 15.86
C GLY B 482 -4.93 -2.91 17.12
N SER B 483 -5.65 -1.78 16.96
CA SER B 483 -6.52 -1.31 18.03
C SER B 483 -7.95 -1.62 17.61
N SER B 484 -8.94 -1.30 18.43
CA SER B 484 -10.29 -1.66 17.97
C SER B 484 -11.32 -0.57 18.23
N ILE B 485 -12.41 -0.67 17.47
CA ILE B 485 -13.62 0.12 17.64
C ILE B 485 -14.75 -0.88 17.54
N SER B 486 -15.87 -0.57 18.18
CA SER B 486 -17.05 -1.40 18.03
C SER B 486 -18.30 -0.52 18.04
N PHE B 487 -19.38 -1.11 17.54
CA PHE B 487 -20.65 -0.41 17.33
C PHE B 487 -21.79 -1.38 17.59
N CYS B 488 -22.92 -0.85 18.09
CA CYS B 488 -24.13 -1.65 18.23
C CYS B 488 -25.23 -1.06 17.36
N GLY B 489 -26.09 -1.94 16.84
CA GLY B 489 -27.21 -1.51 16.00
C GLY B 489 -28.32 -0.99 16.88
N VAL B 490 -28.89 0.15 16.49
CA VAL B 490 -29.99 0.75 17.23
C VAL B 490 -31.07 1.20 16.24
N ASN B 491 -32.29 1.25 16.75
CA ASN B 491 -33.41 1.81 16.02
C ASN B 491 -33.70 3.24 16.50
N SER B 492 -32.67 4.07 16.42
CA SER B 492 -32.73 5.47 16.76
C SER B 492 -31.68 6.18 15.93
N ASP B 493 -31.54 7.48 16.13
CA ASP B 493 -30.68 8.28 15.27
C ASP B 493 -29.22 7.93 15.48
N THR B 494 -28.46 7.89 14.39
CA THR B 494 -27.03 7.64 14.46
C THR B 494 -26.37 8.57 13.46
N VAL B 495 -25.04 8.46 13.34
CA VAL B 495 -24.33 9.29 12.38
C VAL B 495 -23.08 8.57 11.95
N GLY B 496 -22.68 8.82 10.71
CA GLY B 496 -21.43 8.32 10.21
C GLY B 496 -20.29 9.30 10.49
N TRP B 497 -19.10 8.75 10.60
CA TRP B 497 -17.91 9.54 10.83
C TRP B 497 -16.73 8.66 10.47
N SER B 498 -15.54 9.08 10.90
CA SER B 498 -14.33 8.29 10.79
C SER B 498 -13.73 8.26 12.18
N TRP B 499 -13.64 7.06 12.78
CA TRP B 499 -13.03 6.85 14.09
C TRP B 499 -11.79 6.00 13.92
N PRO B 500 -10.70 6.56 13.49
CA PRO B 500 -9.54 5.73 13.12
C PRO B 500 -8.61 5.46 14.31
N ASP B 501 -7.54 4.72 14.04
CA ASP B 501 -6.66 4.27 15.12
C ASP B 501 -5.98 5.44 15.81
N GLY B 502 -5.30 6.29 15.03
CA GLY B 502 -4.80 7.55 15.53
C GLY B 502 -3.38 7.55 16.04
N ALA B 503 -2.70 6.40 16.05
CA ALA B 503 -1.32 6.42 16.52
C ALA B 503 -0.42 7.03 15.45
N GLU B 504 0.72 7.60 15.89
CA GLU B 504 1.70 8.21 14.99
C GLU B 504 2.88 7.26 14.77
N LEU B 505 2.93 6.62 13.61
CA LEU B 505 4.04 5.72 13.34
C LEU B 505 5.06 6.45 12.51
N PRO B 506 6.33 6.02 12.52
CA PRO B 506 6.89 4.89 13.27
C PRO B 506 6.98 5.19 14.76
N PHE B 507 7.22 4.14 15.57
CA PHE B 507 7.50 4.29 16.99
C PHE B 507 9.00 4.37 17.23
N THR B 508 9.36 4.71 18.48
CA THR B 508 10.77 4.75 18.88
C THR B 508 11.52 3.48 18.52
N ILE B 509 10.90 2.33 18.74
CA ILE B 509 11.55 1.04 18.46
C ILE B 509 11.84 0.89 16.97
N ASP B 510 11.10 1.62 16.12
CA ASP B 510 11.22 1.47 14.67
C ASP B 510 12.32 2.32 14.05
N LYS B 511 12.94 3.21 14.81
CA LYS B 511 13.96 4.10 14.28
C LYS B 511 15.36 3.52 14.41
#